data_6DPQ
#
_entry.id   6DPQ
#
_cell.length_a   85.604
_cell.length_b   96.565
_cell.length_c   130.764
_cell.angle_alpha   90.00
_cell.angle_beta   90.00
_cell.angle_gamma   90.00
#
_symmetry.space_group_name_H-M   'P 21 21 21'
#
loop_
_entity.id
_entity.type
_entity.pdbx_description
1 polymer 'Indoleamine 2,3-dioxygenase 1'
2 non-polymer 'PROTOPORPHYRIN IX CONTAINING FE'
3 non-polymer GLYCEROL
4 non-polymer (2R)-N-(4-chlorophenyl)-2-[cis-4-(6-fluoroquinolin-4-yl)cyclohexyl]propanamide
5 water water
#
_entity_poly.entity_id   1
_entity_poly.type   'polypeptide(L)'
_entity_poly.pdbx_seq_one_letter_code
;MSKEYHIDEEVGFALPNPQENLPDFYNDWMFIAKHLPDLIESGQLRERVEKLNMLSIDHLTDHKSQRLARLVLGCITMAY
VWGKGHGDVRKVLPRNIAVPYCQLSKKLELPPILVYADCVLANWKKKDPNKPLTYENMDVLFSFRDGDCSKGFFLVSLLV
EIAAASAIKVIPTVFKAMQMQERDTLLKALLEIASCLEKALQVFHQIHDHVNPKAFFSVLRIYLSGWKGNPQLSDGLVYE
GFWEDPKEFAGGSAGQSSVFQCFDVLLGIQQTAGGGHAAQFLQDMRRYMPPAHRNFLCSLESNPSVREFVLSKGDAGLRE
AYDACVKALVSLRSYHLQIVTKYILIPASQQPKENKTSEDPSKLEAKGTGGTDLMNFLKTVRSTTEKSLLKEGKGELNSK
LEGKPIPNPLLGLDSTRTGHHHHHH
;
_entity_poly.pdbx_strand_id   A,B
#
loop_
_chem_comp.id
_chem_comp.type
_chem_comp.name
_chem_comp.formula
GOL non-polymer GLYCEROL 'C3 H8 O3'
H7P non-polymer (2R)-N-(4-chlorophenyl)-2-[cis-4-(6-fluoroquinolin-4-yl)cyclohexyl]propanamide 'C24 H24 Cl F N2 O'
HEM non-polymer 'PROTOPORPHYRIN IX CONTAINING FE' 'C34 H32 Fe N4 O4'
#
# COMPACT_ATOMS: atom_id res chain seq x y z
N LYS A 3 -22.94 3.52 -2.27
CA LYS A 3 -21.94 4.49 -1.73
C LYS A 3 -21.32 3.93 -0.45
N GLU A 4 -20.75 2.72 -0.55
CA GLU A 4 -19.95 2.12 0.51
C GLU A 4 -18.48 2.51 0.31
N TYR A 5 -18.22 3.31 -0.73
CA TYR A 5 -16.92 3.90 -0.98
C TYR A 5 -16.99 5.41 -0.75
N HIS A 6 -18.18 5.90 -0.39
CA HIS A 6 -18.41 7.31 -0.10
C HIS A 6 -18.08 8.16 -1.32
N ILE A 7 -18.50 7.68 -2.50
CA ILE A 7 -18.36 8.41 -3.76
C ILE A 7 -19.72 9.00 -4.13
N ASP A 8 -19.86 10.32 -3.92
CA ASP A 8 -21.03 11.07 -4.38
C ASP A 8 -21.04 11.09 -5.92
N GLU A 9 -22.25 11.11 -6.48
CA GLU A 9 -22.44 11.15 -7.93
C GLU A 9 -22.06 12.54 -8.46
N GLU A 10 -22.08 13.53 -7.57
CA GLU A 10 -22.01 14.93 -7.94
C GLU A 10 -20.59 15.46 -7.67
N VAL A 11 -20.03 15.11 -6.50
CA VAL A 11 -18.84 15.76 -5.97
C VAL A 11 -17.73 14.71 -5.75
N GLY A 12 -18.05 13.45 -6.03
CA GLY A 12 -17.04 12.39 -6.08
C GLY A 12 -16.51 12.03 -4.70
N PHE A 13 -15.24 12.35 -4.47
CA PHE A 13 -14.53 11.97 -3.24
C PHE A 13 -14.83 12.97 -2.12
N ALA A 14 -15.45 14.10 -2.49
CA ALA A 14 -15.73 15.19 -1.56
C ALA A 14 -16.93 14.83 -0.67
N LEU A 15 -17.20 15.67 0.32
CA LEU A 15 -18.27 15.45 1.30
C LEU A 15 -19.46 16.33 0.94
N PRO A 16 -20.61 15.73 0.57
CA PRO A 16 -21.56 16.38 -0.35
C PRO A 16 -22.08 17.74 0.10
N ASN A 17 -22.23 17.93 1.42
CA ASN A 17 -22.42 19.25 2.01
C ASN A 17 -22.15 19.16 3.52
N PRO A 18 -20.88 19.33 3.95
CA PRO A 18 -20.46 18.88 5.27
C PRO A 18 -21.14 19.68 6.40
N GLN A 19 -20.92 19.26 7.64
CA GLN A 19 -21.34 20.00 8.82
C GLN A 19 -20.69 21.39 8.79
N GLU A 20 -21.46 22.40 9.20
CA GLU A 20 -20.95 23.74 9.44
C GLU A 20 -20.76 23.95 10.96
N ASN A 21 -21.61 23.28 11.74
CA ASN A 21 -21.75 23.52 13.17
C ASN A 21 -21.47 22.23 13.93
N LEU A 22 -20.75 22.35 15.05
CA LEU A 22 -20.52 21.26 15.99
C LEU A 22 -21.54 21.36 17.12
N PRO A 23 -21.89 20.22 17.78
CA PRO A 23 -22.44 20.24 19.13
C PRO A 23 -21.82 21.32 20.03
N ASP A 24 -22.59 21.78 21.02
CA ASP A 24 -22.27 22.94 21.83
C ASP A 24 -21.18 22.56 22.83
N PHE A 25 -21.26 21.32 23.34
CA PHE A 25 -20.22 20.73 24.17
C PHE A 25 -18.84 21.13 23.64
N TYR A 26 -18.76 21.31 22.31
CA TYR A 26 -17.52 21.64 21.62
C TYR A 26 -17.60 23.07 21.05
N ASN A 27 -18.10 24.01 21.87
CA ASN A 27 -18.19 25.42 21.48
C ASN A 27 -16.86 26.12 21.81
N ASP A 28 -16.18 25.61 22.84
CA ASP A 28 -14.76 25.89 23.06
C ASP A 28 -14.01 25.76 21.72
N TRP A 29 -14.07 24.56 21.13
CA TRP A 29 -13.25 24.18 20.00
C TRP A 29 -13.52 25.10 18.81
N MET A 30 -14.80 25.44 18.61
CA MET A 30 -15.27 26.08 17.39
C MET A 30 -14.79 27.53 17.34
N PHE A 31 -14.58 28.13 18.52
CA PHE A 31 -14.23 29.55 18.64
C PHE A 31 -12.76 29.75 18.22
N ILE A 32 -11.86 28.98 18.85
CA ILE A 32 -10.44 29.01 18.52
C ILE A 32 -10.27 28.83 17.01
N ALA A 33 -10.95 27.81 16.48
CA ALA A 33 -10.89 27.47 15.06
C ALA A 33 -11.38 28.63 14.21
N LYS A 34 -12.56 29.18 14.58
CA LYS A 34 -13.33 30.07 13.72
C LYS A 34 -12.59 31.42 13.58
N HIS A 35 -11.69 31.69 14.52
CA HIS A 35 -11.00 32.98 14.61
C HIS A 35 -9.48 32.75 14.69
N LEU A 36 -8.92 32.13 13.65
CA LEU A 36 -7.50 31.81 13.60
C LEU A 36 -6.71 32.96 13.00
N PRO A 37 -7.28 33.74 12.05
CA PRO A 37 -6.60 34.90 11.50
C PRO A 37 -6.14 35.90 12.58
N ASP A 38 -6.84 35.89 13.72
CA ASP A 38 -6.76 36.94 14.72
C ASP A 38 -5.92 36.46 15.91
N LEU A 39 -6.01 35.16 16.21
CA LEU A 39 -5.41 34.58 17.41
C LEU A 39 -3.90 34.34 17.16
N ILE A 40 -3.51 34.29 15.89
CA ILE A 40 -2.12 34.19 15.48
C ILE A 40 -1.55 35.61 15.29
N GLU A 41 -2.36 36.46 14.64
CA GLU A 41 -1.99 37.85 14.35
C GLU A 41 -1.92 38.65 15.65
N SER A 42 -2.50 38.09 16.72
CA SER A 42 -2.36 38.61 18.08
C SER A 42 -1.25 37.84 18.81
N GLY A 43 -1.53 36.59 19.16
CA GLY A 43 -0.55 35.67 19.73
C GLY A 43 -1.07 34.94 20.95
N GLN A 44 -2.36 35.13 21.26
CA GLN A 44 -3.01 34.50 22.40
C GLN A 44 -3.69 33.20 21.96
N LEU A 45 -3.29 32.69 20.79
CA LEU A 45 -3.69 31.37 20.31
C LEU A 45 -3.03 30.30 21.18
N ARG A 46 -1.69 30.31 21.21
CA ARG A 46 -0.89 29.27 21.84
C ARG A 46 -1.32 29.11 23.30
N GLU A 47 -1.70 30.23 23.93
CA GLU A 47 -2.11 30.26 25.33
C GLU A 47 -3.56 29.76 25.44
N ARG A 48 -4.41 30.19 24.50
CA ARG A 48 -5.84 29.92 24.55
C ARG A 48 -6.10 28.43 24.28
N VAL A 49 -5.12 27.76 23.67
CA VAL A 49 -5.16 26.33 23.43
C VAL A 49 -4.84 25.60 24.75
N GLU A 50 -3.94 26.19 25.54
CA GLU A 50 -3.59 25.68 26.86
C GLU A 50 -4.79 25.83 27.81
N LYS A 51 -5.50 26.96 27.68
CA LYS A 51 -6.72 27.23 28.45
C LYS A 51 -7.90 26.52 27.78
N LEU A 52 -8.01 25.22 28.03
CA LEU A 52 -8.93 24.34 27.32
C LEU A 52 -8.96 22.97 28.01
N ASN A 53 -10.14 22.35 28.02
CA ASN A 53 -10.36 21.06 28.68
C ASN A 53 -10.03 19.93 27.71
N MET A 54 -9.74 18.76 28.27
CA MET A 54 -9.67 17.50 27.54
C MET A 54 -11.10 16.99 27.29
N LEU A 55 -11.76 17.55 26.27
CA LEU A 55 -13.14 17.23 25.94
C LEU A 55 -13.21 15.82 25.34
N SER A 56 -14.35 15.15 25.56
CA SER A 56 -14.54 13.76 25.15
C SER A 56 -15.01 13.71 23.69
N ILE A 57 -14.87 12.53 23.07
CA ILE A 57 -15.13 12.35 21.66
C ILE A 57 -16.55 11.77 21.48
N ASP A 58 -17.13 11.30 22.58
CA ASP A 58 -18.25 10.37 22.55
C ASP A 58 -19.52 11.11 22.11
N HIS A 59 -19.51 12.44 22.27
CA HIS A 59 -20.68 13.28 22.04
C HIS A 59 -20.80 13.63 20.56
N LEU A 60 -19.86 13.12 19.75
CA LEU A 60 -19.91 13.21 18.30
C LEU A 60 -20.65 11.99 17.75
N THR A 61 -21.87 12.21 17.26
CA THR A 61 -22.84 11.15 17.00
C THR A 61 -22.48 10.45 15.67
N ASP A 62 -22.43 11.23 14.59
CA ASP A 62 -22.42 10.70 13.23
C ASP A 62 -21.09 11.09 12.56
N HIS A 63 -20.98 10.76 11.26
CA HIS A 63 -19.73 10.87 10.51
C HIS A 63 -19.37 12.35 10.31
N LYS A 64 -20.25 13.07 9.62
CA LYS A 64 -19.97 14.44 9.17
C LYS A 64 -19.51 15.28 10.36
N SER A 65 -20.02 14.95 11.55
CA SER A 65 -19.62 15.59 12.80
C SER A 65 -18.14 15.32 13.08
N GLN A 66 -17.75 14.04 13.00
CA GLN A 66 -16.39 13.59 13.31
C GLN A 66 -15.39 14.22 12.33
N ARG A 67 -15.89 14.55 11.13
CA ARG A 67 -15.05 15.03 10.03
C ARG A 67 -14.79 16.53 10.20
N LEU A 68 -15.84 17.26 10.60
CA LEU A 68 -15.72 18.65 11.00
C LEU A 68 -14.83 18.75 12.25
N ALA A 69 -15.04 17.83 13.19
CA ALA A 69 -14.25 17.74 14.42
C ALA A 69 -12.77 17.58 14.06
N ARG A 70 -12.50 16.76 13.04
CA ARG A 70 -11.15 16.50 12.54
C ARG A 70 -10.57 17.76 11.89
N LEU A 71 -11.45 18.49 11.18
CA LEU A 71 -11.08 19.71 10.46
C LEU A 71 -10.76 20.82 11.48
N VAL A 72 -11.61 20.94 12.49
CA VAL A 72 -11.46 21.93 13.55
C VAL A 72 -10.17 21.63 14.33
N LEU A 73 -10.09 20.42 14.89
CA LEU A 73 -8.94 19.98 15.66
C LEU A 73 -7.67 20.10 14.80
N GLY A 74 -7.81 19.84 13.50
CA GLY A 74 -6.72 19.89 12.55
C GLY A 74 -6.20 21.30 12.35
N CYS A 75 -7.11 22.21 12.00
CA CYS A 75 -6.79 23.61 11.75
C CYS A 75 -6.14 24.23 13.00
N ILE A 76 -6.63 23.82 14.17
CA ILE A 76 -6.17 24.34 15.44
C ILE A 76 -4.74 23.83 15.71
N THR A 77 -4.50 22.56 15.37
CA THR A 77 -3.25 21.87 15.71
C THR A 77 -2.11 22.43 14.85
N MET A 78 -2.42 22.79 13.61
CA MET A 78 -1.44 23.33 12.67
C MET A 78 -0.98 24.72 13.15
N ALA A 79 -1.90 25.45 13.77
CA ALA A 79 -1.68 26.85 14.16
C ALA A 79 -0.84 26.90 15.44
N TYR A 80 -1.15 26.01 16.39
CA TYR A 80 -0.41 25.91 17.65
C TYR A 80 1.05 25.56 17.36
N VAL A 81 1.26 24.57 16.48
CA VAL A 81 2.55 23.92 16.31
C VAL A 81 3.48 24.86 15.54
N TRP A 82 2.92 25.61 14.59
CA TRP A 82 3.69 26.45 13.68
C TRP A 82 3.63 27.91 14.14
N GLY A 83 2.45 28.33 14.62
CA GLY A 83 2.27 29.64 15.23
C GLY A 83 2.12 30.73 14.19
N LYS A 84 2.94 31.79 14.33
CA LYS A 84 3.01 32.88 13.37
C LYS A 84 3.58 32.34 12.05
N GLY A 85 4.28 31.19 12.12
CA GLY A 85 4.98 30.62 10.99
C GLY A 85 6.13 31.50 10.55
N HIS A 86 6.99 31.87 11.51
CA HIS A 86 8.16 32.70 11.26
C HIS A 86 9.42 32.02 11.79
N GLY A 87 9.23 30.87 12.46
CA GLY A 87 10.34 30.04 12.91
C GLY A 87 10.21 29.66 14.38
N ASP A 88 9.03 29.93 14.96
CA ASP A 88 8.77 29.67 16.38
C ASP A 88 7.74 28.54 16.49
N VAL A 89 8.22 27.33 16.82
CA VAL A 89 7.46 26.10 16.68
C VAL A 89 7.35 25.42 18.05
N ARG A 90 6.35 24.53 18.18
CA ARG A 90 6.24 23.61 19.31
C ARG A 90 6.67 22.21 18.86
N LYS A 91 7.32 21.47 19.77
CA LYS A 91 7.51 20.03 19.63
C LYS A 91 6.62 19.31 20.66
N VAL A 92 5.79 20.07 21.36
CA VAL A 92 4.90 19.56 22.39
C VAL A 92 3.48 20.05 22.09
N LEU A 93 2.52 19.12 22.12
CA LEU A 93 1.10 19.42 21.93
C LEU A 93 0.33 19.06 23.19
N PRO A 94 -0.50 19.99 23.73
CA PRO A 94 -1.20 19.75 25.00
C PRO A 94 -2.13 18.54 24.93
N ARG A 95 -2.37 17.90 26.08
CA ARG A 95 -3.19 16.71 26.18
C ARG A 95 -4.67 17.11 26.29
N ASN A 96 -4.96 18.40 26.07
CA ASN A 96 -6.32 18.89 25.87
C ASN A 96 -6.75 18.59 24.43
N ILE A 97 -5.76 18.45 23.54
CA ILE A 97 -5.98 18.40 22.11
C ILE A 97 -5.44 17.08 21.55
N ALA A 98 -4.29 16.64 22.08
CA ALA A 98 -3.55 15.51 21.54
C ALA A 98 -4.39 14.24 21.64
N VAL A 99 -5.01 14.03 22.80
CA VAL A 99 -5.79 12.83 23.09
C VAL A 99 -7.06 12.83 22.24
N PRO A 100 -7.87 13.91 22.25
CA PRO A 100 -9.11 13.94 21.48
C PRO A 100 -8.91 13.93 19.96
N TYR A 101 -7.76 14.40 19.49
CA TYR A 101 -7.42 14.39 18.06
C TYR A 101 -6.88 13.01 17.68
N CYS A 102 -6.12 12.39 18.60
CA CYS A 102 -5.47 11.11 18.37
C CYS A 102 -6.48 9.97 18.46
N GLN A 103 -7.50 10.15 19.32
CA GLN A 103 -8.59 9.20 19.48
C GLN A 103 -9.49 9.23 18.25
N LEU A 104 -9.80 10.45 17.79
CA LEU A 104 -10.65 10.69 16.63
C LEU A 104 -9.98 10.10 15.37
N SER A 105 -8.66 10.20 15.32
CA SER A 105 -7.87 9.81 14.16
C SER A 105 -7.49 8.33 14.26
N LYS A 106 -8.20 7.59 15.13
CA LYS A 106 -8.21 6.14 15.12
C LYS A 106 -9.61 5.65 14.74
N LYS A 107 -10.62 6.47 15.04
CA LYS A 107 -12.00 6.21 14.67
C LYS A 107 -12.13 6.21 13.14
N LEU A 108 -11.55 7.24 12.51
CA LEU A 108 -11.68 7.47 11.08
C LEU A 108 -10.46 6.90 10.34
N GLU A 109 -9.52 6.36 11.12
CA GLU A 109 -8.34 5.69 10.58
C GLU A 109 -7.57 6.65 9.66
N LEU A 110 -7.59 7.93 10.02
CA LEU A 110 -6.70 8.93 9.44
C LEU A 110 -5.56 9.23 10.42
N PRO A 111 -4.45 9.83 9.94
CA PRO A 111 -3.41 10.33 10.85
C PRO A 111 -3.85 11.61 11.57
N PRO A 112 -3.34 11.87 12.79
CA PRO A 112 -3.67 13.07 13.54
C PRO A 112 -2.91 14.29 13.01
N ILE A 113 -3.12 14.60 11.73
CA ILE A 113 -2.61 15.79 11.07
C ILE A 113 -3.69 16.28 10.10
N LEU A 114 -3.65 17.56 9.75
CA LEU A 114 -4.56 18.11 8.75
C LEU A 114 -4.20 17.52 7.38
N VAL A 115 -5.21 16.94 6.73
CA VAL A 115 -5.04 16.24 5.47
C VAL A 115 -6.00 16.85 4.43
N TYR A 116 -5.84 16.43 3.18
CA TYR A 116 -6.66 16.86 2.06
C TYR A 116 -8.15 16.67 2.40
N ALA A 117 -8.46 15.49 2.94
CA ALA A 117 -9.84 15.10 3.26
C ALA A 117 -10.49 16.16 4.15
N ASP A 118 -9.72 16.65 5.14
CA ASP A 118 -10.19 17.67 6.08
C ASP A 118 -10.35 19.00 5.34
N CYS A 119 -9.23 19.52 4.83
CA CYS A 119 -9.07 20.95 4.59
C CYS A 119 -9.42 21.29 3.13
N VAL A 120 -10.04 20.34 2.43
CA VAL A 120 -10.60 20.56 1.10
C VAL A 120 -11.96 19.85 0.99
N LEU A 121 -11.97 18.54 1.26
CA LEU A 121 -13.11 17.68 0.98
C LEU A 121 -14.23 17.96 2.00
N ALA A 122 -13.83 18.34 3.22
CA ALA A 122 -14.76 18.52 4.34
C ALA A 122 -14.83 19.99 4.75
N ASN A 123 -14.02 20.83 4.11
CA ASN A 123 -13.81 22.21 4.50
C ASN A 123 -14.33 23.13 3.40
N TRP A 124 -15.65 23.05 3.14
CA TRP A 124 -16.29 23.83 2.10
C TRP A 124 -17.79 23.99 2.41
N LYS A 125 -18.38 25.06 1.88
CA LYS A 125 -19.76 25.44 2.16
C LYS A 125 -20.35 26.08 0.90
N LYS A 126 -21.68 25.97 0.77
CA LYS A 126 -22.44 26.62 -0.30
C LYS A 126 -23.08 27.89 0.26
N LYS A 127 -22.85 29.02 -0.44
CA LYS A 127 -23.38 30.32 -0.03
C LYS A 127 -24.91 30.30 -0.16
N ASP A 128 -25.39 30.14 -1.38
CA ASP A 128 -26.82 30.07 -1.68
C ASP A 128 -27.18 28.63 -2.05
N PRO A 129 -27.77 27.85 -1.13
CA PRO A 129 -28.15 26.46 -1.39
C PRO A 129 -28.55 26.15 -2.83
N ASN A 130 -29.43 26.98 -3.42
CA ASN A 130 -30.03 26.70 -4.72
C ASN A 130 -29.34 27.56 -5.80
N LYS A 131 -28.01 27.66 -5.71
CA LYS A 131 -27.18 28.17 -6.80
C LYS A 131 -26.15 27.11 -7.18
N PRO A 132 -25.79 27.00 -8.48
CA PRO A 132 -24.79 26.04 -8.93
C PRO A 132 -23.51 25.98 -8.08
N LEU A 133 -22.70 24.94 -8.32
CA LEU A 133 -21.38 24.77 -7.71
C LEU A 133 -20.34 25.50 -8.55
N THR A 134 -20.13 26.79 -8.24
CA THR A 134 -19.09 27.60 -8.88
C THR A 134 -18.35 28.38 -7.79
N TYR A 135 -17.14 28.85 -8.14
CA TYR A 135 -16.23 29.47 -7.17
C TYR A 135 -17.00 30.54 -6.38
N GLU A 136 -17.78 31.36 -7.11
CA GLU A 136 -18.43 32.54 -6.56
C GLU A 136 -19.40 32.13 -5.43
N ASN A 137 -20.02 30.95 -5.60
CA ASN A 137 -21.19 30.57 -4.82
C ASN A 137 -20.79 29.56 -3.73
N MET A 138 -19.50 29.52 -3.40
CA MET A 138 -18.96 28.59 -2.41
C MET A 138 -17.90 29.30 -1.56
N ASP A 139 -17.57 28.70 -0.42
CA ASP A 139 -16.62 29.26 0.52
C ASP A 139 -16.19 28.18 1.53
N VAL A 140 -14.97 28.31 2.04
CA VAL A 140 -14.39 27.35 2.99
C VAL A 140 -15.00 27.59 4.37
N LEU A 141 -14.63 26.75 5.33
CA LEU A 141 -15.13 26.82 6.69
C LEU A 141 -14.07 27.43 7.61
N PHE A 142 -12.80 27.28 7.22
CA PHE A 142 -11.66 27.61 8.07
C PHE A 142 -10.47 28.07 7.21
N SER A 143 -9.79 29.11 7.69
CA SER A 143 -8.50 29.55 7.16
C SER A 143 -7.49 29.65 8.30
N PHE A 144 -6.32 30.25 8.00
CA PHE A 144 -5.23 30.36 8.95
C PHE A 144 -4.88 31.83 9.15
N ARG A 145 -4.52 32.50 8.05
CA ARG A 145 -4.21 33.93 8.05
C ARG A 145 -5.06 34.62 6.97
N ASP A 146 -4.86 35.94 6.82
CA ASP A 146 -5.52 36.72 5.79
C ASP A 146 -4.58 36.81 4.56
N GLY A 147 -5.19 36.82 3.37
CA GLY A 147 -4.47 37.01 2.12
C GLY A 147 -3.65 35.79 1.74
N ASP A 148 -3.83 34.70 2.49
CA ASP A 148 -3.15 33.43 2.25
C ASP A 148 -3.71 32.80 0.98
N CYS A 149 -4.91 33.24 0.58
CA CYS A 149 -5.66 32.67 -0.52
C CYS A 149 -5.96 31.19 -0.23
N SER A 150 -6.47 30.94 0.99
CA SER A 150 -6.92 29.62 1.41
C SER A 150 -8.19 29.22 0.66
N LYS A 151 -9.02 30.22 0.32
CA LYS A 151 -10.21 30.02 -0.47
C LYS A 151 -9.81 29.54 -1.87
N GLY A 152 -8.90 30.28 -2.51
CA GLY A 152 -8.33 29.92 -3.80
C GLY A 152 -7.96 28.44 -3.84
N PHE A 153 -6.99 28.05 -3.00
CA PHE A 153 -6.38 26.73 -3.05
C PHE A 153 -7.46 25.66 -2.78
N PHE A 154 -8.07 25.74 -1.60
CA PHE A 154 -8.99 24.71 -1.11
C PHE A 154 -10.14 24.54 -2.09
N LEU A 155 -10.63 25.66 -2.63
CA LEU A 155 -11.89 25.69 -3.38
C LEU A 155 -11.66 25.15 -4.79
N VAL A 156 -10.52 25.51 -5.39
CA VAL A 156 -10.20 25.13 -6.76
C VAL A 156 -9.81 23.65 -6.79
N SER A 157 -9.03 23.23 -5.79
CA SER A 157 -8.78 21.82 -5.50
C SER A 157 -10.11 21.06 -5.49
N LEU A 158 -11.06 21.56 -4.68
CA LEU A 158 -12.36 20.93 -4.49
C LEU A 158 -13.11 20.90 -5.83
N LEU A 159 -13.03 22.00 -6.56
CA LEU A 159 -13.77 22.19 -7.81
C LEU A 159 -13.32 21.16 -8.85
N VAL A 160 -12.04 20.74 -8.74
CA VAL A 160 -11.45 19.76 -9.64
C VAL A 160 -11.94 18.36 -9.24
N GLU A 161 -11.99 18.12 -7.93
CA GLU A 161 -12.57 16.90 -7.37
C GLU A 161 -13.95 16.66 -8.00
N ILE A 162 -14.72 17.75 -8.16
CA ILE A 162 -16.12 17.69 -8.55
C ILE A 162 -16.20 17.44 -10.06
N ALA A 163 -15.27 18.03 -10.81
CA ALA A 163 -15.17 17.84 -12.25
C ALA A 163 -14.92 16.36 -12.55
N ALA A 164 -14.21 15.70 -11.64
CA ALA A 164 -13.80 14.30 -11.80
C ALA A 164 -14.98 13.37 -11.51
N ALA A 165 -15.83 13.77 -10.56
CA ALA A 165 -17.04 13.04 -10.19
C ALA A 165 -17.78 12.60 -11.46
N SER A 166 -17.71 13.44 -12.50
CA SER A 166 -18.44 13.24 -13.74
C SER A 166 -17.87 12.04 -14.50
N ALA A 167 -16.60 11.72 -14.24
CA ALA A 167 -15.89 10.62 -14.88
C ALA A 167 -16.02 9.35 -14.01
N ILE A 168 -15.98 9.54 -12.69
CA ILE A 168 -15.84 8.44 -11.74
C ILE A 168 -17.11 7.61 -11.74
N LYS A 169 -18.23 8.22 -12.13
CA LYS A 169 -19.54 7.58 -12.11
C LYS A 169 -19.72 6.73 -13.38
N VAL A 170 -18.82 6.92 -14.35
CA VAL A 170 -18.83 6.17 -15.60
C VAL A 170 -18.22 4.79 -15.36
N ILE A 171 -17.39 4.68 -14.32
CA ILE A 171 -16.45 3.57 -14.16
C ILE A 171 -17.24 2.26 -14.07
N PRO A 172 -18.26 2.18 -13.19
CA PRO A 172 -19.13 1.01 -13.15
C PRO A 172 -19.51 0.49 -14.54
N THR A 173 -19.86 1.41 -15.44
CA THR A 173 -20.24 1.08 -16.81
C THR A 173 -19.10 0.35 -17.51
N VAL A 174 -17.87 0.82 -17.27
CA VAL A 174 -16.67 0.32 -17.94
C VAL A 174 -16.54 -1.19 -17.64
N PHE A 175 -16.68 -1.54 -16.36
CA PHE A 175 -16.37 -2.89 -15.89
C PHE A 175 -17.51 -3.84 -16.26
N LYS A 176 -18.73 -3.30 -16.31
CA LYS A 176 -19.91 -4.06 -16.74
C LYS A 176 -19.74 -4.43 -18.21
N ALA A 177 -19.49 -3.42 -19.04
CA ALA A 177 -19.34 -3.60 -20.49
C ALA A 177 -18.29 -4.67 -20.78
N MET A 178 -17.27 -4.76 -19.91
CA MET A 178 -16.10 -5.59 -20.14
C MET A 178 -16.48 -7.07 -19.98
N GLN A 179 -17.32 -7.35 -18.97
CA GLN A 179 -17.67 -8.72 -18.60
C GLN A 179 -18.88 -9.16 -19.42
N MET A 180 -19.68 -8.20 -19.88
CA MET A 180 -20.82 -8.46 -20.75
C MET A 180 -20.36 -8.51 -22.21
N GLN A 181 -19.06 -8.32 -22.41
CA GLN A 181 -18.47 -8.27 -23.74
C GLN A 181 -19.28 -7.30 -24.61
N GLU A 182 -19.47 -6.09 -24.11
CA GLU A 182 -20.30 -5.06 -24.76
C GLU A 182 -19.40 -3.93 -25.25
N ARG A 183 -18.83 -4.10 -26.45
CA ARG A 183 -17.73 -3.29 -26.94
C ARG A 183 -18.19 -1.83 -27.04
N ASP A 184 -19.32 -1.62 -27.73
CA ASP A 184 -19.79 -0.29 -28.09
C ASP A 184 -20.03 0.53 -26.83
N THR A 185 -20.60 -0.12 -25.80
CA THR A 185 -20.83 0.49 -24.51
C THR A 185 -19.48 0.97 -23.92
N LEU A 186 -18.53 0.05 -23.84
CA LEU A 186 -17.23 0.30 -23.23
C LEU A 186 -16.56 1.50 -23.93
N LEU A 187 -16.62 1.50 -25.27
CA LEU A 187 -16.00 2.53 -26.09
C LEU A 187 -16.56 3.90 -25.72
N LYS A 188 -17.89 3.99 -25.66
CA LYS A 188 -18.59 5.19 -25.21
C LYS A 188 -18.04 5.59 -23.83
N ALA A 189 -18.11 4.66 -22.88
CA ALA A 189 -17.75 4.89 -21.49
C ALA A 189 -16.36 5.53 -21.41
N LEU A 190 -15.44 5.08 -22.26
CA LEU A 190 -14.05 5.48 -22.22
C LEU A 190 -13.91 6.93 -22.74
N LEU A 191 -14.75 7.28 -23.71
CA LEU A 191 -14.72 8.60 -24.34
C LEU A 191 -15.32 9.63 -23.37
N GLU A 192 -16.37 9.21 -22.65
CA GLU A 192 -17.05 10.07 -21.68
C GLU A 192 -16.07 10.45 -20.57
N ILE A 193 -15.20 9.50 -20.20
CA ILE A 193 -14.23 9.70 -19.13
C ILE A 193 -13.16 10.69 -19.61
N ALA A 194 -12.63 10.44 -20.81
CA ALA A 194 -11.70 11.35 -21.46
C ALA A 194 -12.31 12.76 -21.50
N SER A 195 -13.57 12.83 -21.93
CA SER A 195 -14.31 14.08 -22.08
C SER A 195 -14.27 14.87 -20.76
N CYS A 196 -14.58 14.18 -19.66
CA CYS A 196 -14.82 14.82 -18.36
C CYS A 196 -13.48 15.20 -17.70
N LEU A 197 -12.42 14.50 -18.10
CA LEU A 197 -11.07 14.78 -17.59
C LEU A 197 -10.47 15.97 -18.35
N GLU A 198 -10.94 16.17 -19.60
CA GLU A 198 -10.65 17.37 -20.37
C GLU A 198 -11.34 18.56 -19.71
N LYS A 199 -12.61 18.37 -19.32
CA LYS A 199 -13.38 19.35 -18.59
C LYS A 199 -12.63 19.78 -17.33
N ALA A 200 -11.99 18.80 -16.68
CA ALA A 200 -11.41 18.98 -15.35
C ALA A 200 -10.13 19.81 -15.44
N LEU A 201 -9.52 19.83 -16.64
CA LEU A 201 -8.30 20.60 -16.89
C LEU A 201 -8.64 22.08 -16.97
N GLN A 202 -9.72 22.42 -17.67
CA GLN A 202 -10.22 23.79 -17.79
C GLN A 202 -10.41 24.37 -16.39
N VAL A 203 -10.97 23.56 -15.49
CA VAL A 203 -11.25 23.95 -14.12
C VAL A 203 -9.93 24.22 -13.38
N PHE A 204 -8.87 23.52 -13.81
CA PHE A 204 -7.55 23.63 -13.20
C PHE A 204 -6.97 25.02 -13.49
N HIS A 205 -7.39 25.60 -14.63
CA HIS A 205 -6.93 26.93 -15.05
C HIS A 205 -7.31 27.98 -13.99
N GLN A 206 -8.43 27.74 -13.30
CA GLN A 206 -9.04 28.71 -12.40
C GLN A 206 -8.05 29.10 -11.31
N ILE A 207 -6.99 28.30 -11.14
CA ILE A 207 -6.10 28.40 -9.99
C ILE A 207 -5.21 29.64 -10.16
N HIS A 208 -5.05 30.09 -11.41
CA HIS A 208 -4.37 31.35 -11.71
C HIS A 208 -5.21 32.53 -11.22
N ASP A 209 -6.54 32.37 -11.29
CA ASP A 209 -7.49 33.47 -11.13
C ASP A 209 -7.66 33.80 -9.65
N HIS A 210 -7.42 32.81 -8.78
CA HIS A 210 -7.97 32.82 -7.42
C HIS A 210 -6.88 32.52 -6.38
N VAL A 211 -5.62 32.41 -6.84
CA VAL A 211 -4.50 32.16 -5.93
C VAL A 211 -3.30 33.01 -6.37
N ASN A 212 -2.64 33.64 -5.39
CA ASN A 212 -1.41 34.41 -5.61
C ASN A 212 -0.21 33.53 -5.29
N PRO A 213 0.80 33.46 -6.19
CA PRO A 213 1.97 32.61 -5.98
C PRO A 213 2.73 32.96 -4.69
N LYS A 214 3.10 34.23 -4.56
CA LYS A 214 3.90 34.72 -3.45
C LYS A 214 3.18 34.40 -2.13
N ALA A 215 1.85 34.59 -2.12
CA ALA A 215 1.03 34.46 -0.92
C ALA A 215 0.91 32.99 -0.53
N PHE A 216 0.70 32.12 -1.53
CA PHE A 216 0.62 30.68 -1.31
C PHE A 216 1.92 30.17 -0.68
N PHE A 217 3.03 30.38 -1.41
CA PHE A 217 4.33 29.82 -1.04
C PHE A 217 4.74 30.35 0.34
N SER A 218 4.59 31.66 0.54
CA SER A 218 5.04 32.35 1.73
C SER A 218 4.23 31.88 2.95
N VAL A 219 2.90 31.91 2.82
CA VAL A 219 1.99 31.90 3.96
C VAL A 219 1.47 30.48 4.17
N LEU A 220 0.62 30.02 3.23
CA LEU A 220 -0.27 28.89 3.45
C LEU A 220 0.54 27.58 3.41
N ARG A 221 1.60 27.57 2.60
CA ARG A 221 2.44 26.39 2.41
C ARG A 221 2.93 25.88 3.77
N ILE A 222 3.06 26.78 4.74
CA ILE A 222 3.70 26.52 6.02
C ILE A 222 2.74 25.69 6.89
N TYR A 223 1.45 26.04 6.82
CA TYR A 223 0.44 25.51 7.73
C TYR A 223 -0.04 24.14 7.23
N LEU A 224 0.17 23.89 5.94
CA LEU A 224 -0.17 22.60 5.31
C LEU A 224 0.98 21.62 5.49
N SER A 225 2.20 22.15 5.59
CA SER A 225 3.40 21.35 5.76
C SER A 225 3.33 20.58 7.09
N GLY A 226 3.69 19.30 7.04
CA GLY A 226 3.65 18.42 8.21
C GLY A 226 5.01 18.32 8.89
N TRP A 227 5.32 17.13 9.40
CA TRP A 227 6.54 16.90 10.16
C TRP A 227 6.99 15.45 9.99
N LYS A 228 7.16 15.04 8.73
CA LYS A 228 8.00 13.90 8.37
C LYS A 228 9.18 14.40 7.53
N GLY A 229 10.36 13.82 7.78
CA GLY A 229 11.62 14.30 7.23
C GLY A 229 11.66 15.82 7.18
N ASN A 230 11.36 16.44 8.33
CA ASN A 230 11.13 17.88 8.43
C ASN A 230 12.05 18.46 9.49
N PRO A 231 13.22 19.02 9.09
CA PRO A 231 14.25 19.40 10.07
C PRO A 231 13.90 20.64 10.89
N GLN A 232 12.63 20.75 11.32
CA GLN A 232 12.22 21.65 12.39
C GLN A 232 11.60 20.83 13.53
N LEU A 233 11.05 19.67 13.17
CA LEU A 233 10.66 18.64 14.13
C LEU A 233 11.33 17.32 13.74
N SER A 234 12.66 17.31 13.76
CA SER A 234 13.48 16.32 13.07
C SER A 234 13.19 14.92 13.63
N ASP A 235 12.91 14.85 14.94
CA ASP A 235 12.47 13.63 15.59
C ASP A 235 10.96 13.44 15.36
N GLY A 236 10.21 14.52 15.56
CA GLY A 236 8.78 14.57 15.23
C GLY A 236 8.01 15.50 16.16
N LEU A 237 6.69 15.34 16.19
CA LEU A 237 5.83 15.97 17.18
C LEU A 237 5.47 14.95 18.26
N VAL A 238 5.43 15.42 19.52
CA VAL A 238 5.00 14.62 20.66
C VAL A 238 3.49 14.83 20.86
N TYR A 239 2.73 13.73 20.84
CA TYR A 239 1.32 13.73 21.21
C TYR A 239 1.21 13.40 22.70
N GLU A 240 1.42 14.41 23.54
CA GLU A 240 1.42 14.28 24.99
C GLU A 240 0.10 13.65 25.43
N GLY A 241 0.20 12.69 26.36
CA GLY A 241 -0.96 11.93 26.84
C GLY A 241 -1.11 10.62 26.09
N PHE A 242 -1.23 10.70 24.76
CA PHE A 242 -1.69 9.60 23.93
C PHE A 242 -0.51 8.66 23.62
N TRP A 243 0.59 9.24 23.14
CA TRP A 243 1.71 8.47 22.62
C TRP A 243 2.98 8.76 23.44
N GLU A 244 3.74 7.70 23.70
CA GLU A 244 4.88 7.73 24.61
C GLU A 244 5.98 8.62 24.04
N ASP A 245 6.14 8.56 22.70
CA ASP A 245 7.28 9.15 22.02
C ASP A 245 6.79 10.23 21.06
N PRO A 246 7.71 11.00 20.42
CA PRO A 246 7.37 11.78 19.23
C PRO A 246 6.99 10.89 18.04
N LYS A 247 6.21 11.45 17.11
CA LYS A 247 5.53 10.68 16.08
C LYS A 247 5.56 11.46 14.76
N GLU A 248 5.94 10.76 13.68
CA GLU A 248 6.16 11.36 12.37
C GLU A 248 4.91 11.17 11.50
N PHE A 249 4.40 12.28 10.96
CA PHE A 249 3.28 12.27 10.02
C PHE A 249 3.45 13.41 9.01
N ALA A 250 3.04 13.16 7.77
CA ALA A 250 3.38 14.01 6.62
C ALA A 250 2.24 15.00 6.35
N GLY A 251 2.54 16.03 5.56
CA GLY A 251 1.70 17.22 5.43
C GLY A 251 0.55 16.99 4.46
N GLY A 252 -0.34 17.99 4.35
CA GLY A 252 -1.66 17.83 3.76
C GLY A 252 -1.77 18.53 2.41
N SER A 253 -1.11 17.95 1.40
CA SER A 253 -1.14 18.46 0.04
C SER A 253 -2.34 17.86 -0.71
N ALA A 254 -2.61 18.40 -1.90
CA ALA A 254 -3.53 17.79 -2.87
C ALA A 254 -2.91 16.50 -3.42
N GLY A 255 -1.64 16.26 -3.07
CA GLY A 255 -0.97 14.99 -3.33
C GLY A 255 -1.57 13.86 -2.52
N GLN A 256 -2.64 14.16 -1.78
CA GLN A 256 -3.34 13.19 -0.95
C GLN A 256 -4.70 12.85 -1.59
N SER A 257 -4.95 13.44 -2.77
CA SER A 257 -6.20 13.23 -3.50
C SER A 257 -6.26 11.79 -4.01
N SER A 258 -7.48 11.32 -4.30
CA SER A 258 -7.72 9.97 -4.80
C SER A 258 -7.86 9.99 -6.32
N VAL A 259 -8.00 11.20 -6.89
CA VAL A 259 -8.56 11.38 -8.22
C VAL A 259 -7.59 10.82 -9.26
N PHE A 260 -6.37 11.36 -9.28
CA PHE A 260 -5.33 10.95 -10.22
C PHE A 260 -5.04 9.45 -10.06
N GLN A 261 -4.93 9.02 -8.80
CA GLN A 261 -4.63 7.63 -8.46
C GLN A 261 -5.75 6.71 -8.94
N CYS A 262 -6.99 7.18 -8.81
CA CYS A 262 -8.18 6.45 -9.21
C CYS A 262 -8.06 6.03 -10.68
N PHE A 263 -7.51 6.93 -11.51
CA PHE A 263 -7.50 6.76 -12.95
C PHE A 263 -6.18 6.10 -13.40
N ASP A 264 -5.11 6.33 -12.63
CA ASP A 264 -3.88 5.54 -12.72
C ASP A 264 -4.25 4.06 -12.69
N VAL A 265 -5.13 3.69 -11.73
CA VAL A 265 -5.49 2.31 -11.48
C VAL A 265 -6.42 1.83 -12.60
N LEU A 266 -7.46 2.62 -12.89
CA LEU A 266 -8.45 2.27 -13.90
C LEU A 266 -7.74 1.90 -15.21
N LEU A 267 -6.74 2.71 -15.58
CA LEU A 267 -6.10 2.63 -16.88
C LEU A 267 -4.83 1.77 -16.78
N GLY A 268 -4.66 1.11 -15.63
CA GLY A 268 -3.62 0.11 -15.43
C GLY A 268 -2.23 0.70 -15.57
N ILE A 269 -2.08 1.97 -15.16
CA ILE A 269 -0.80 2.64 -15.09
C ILE A 269 -0.11 2.26 -13.77
N GLN A 270 0.93 1.44 -13.88
CA GLN A 270 1.61 0.88 -12.72
C GLN A 270 2.57 1.93 -12.13
N GLN A 271 2.00 2.91 -11.43
CA GLN A 271 2.76 3.93 -10.72
C GLN A 271 3.44 3.31 -9.50
N THR A 272 2.67 2.52 -8.75
CA THR A 272 3.04 2.08 -7.41
C THR A 272 3.91 0.81 -7.51
N ALA A 273 4.19 0.38 -8.75
CA ALA A 273 5.20 -0.63 -9.03
C ALA A 273 6.52 0.05 -9.44
N GLY A 274 7.58 -0.75 -9.53
CA GLY A 274 8.96 -0.26 -9.47
C GLY A 274 9.34 0.10 -8.05
N GLY A 275 10.66 0.13 -7.80
CA GLY A 275 11.22 0.77 -6.61
C GLY A 275 10.95 2.27 -6.62
N GLY A 276 11.81 3.03 -5.95
CA GLY A 276 11.88 4.47 -6.10
C GLY A 276 10.93 5.18 -5.16
N HIS A 277 11.17 6.49 -4.98
CA HIS A 277 10.43 7.32 -4.03
C HIS A 277 9.14 7.81 -4.69
N ALA A 278 9.10 7.74 -6.02
CA ALA A 278 7.91 8.09 -6.80
C ALA A 278 6.75 7.17 -6.43
N ALA A 279 6.99 5.87 -6.53
CA ALA A 279 5.99 4.86 -6.19
C ALA A 279 5.73 4.88 -4.69
N GLN A 280 6.80 4.88 -3.90
CA GLN A 280 6.74 4.76 -2.45
C GLN A 280 5.85 5.89 -1.89
N PHE A 281 6.03 7.10 -2.44
CA PHE A 281 5.26 8.27 -2.04
C PHE A 281 3.77 8.02 -2.31
N LEU A 282 3.46 7.55 -3.52
CA LEU A 282 2.09 7.42 -4.00
C LEU A 282 1.36 6.36 -3.18
N GLN A 283 2.08 5.28 -2.84
CA GLN A 283 1.55 4.21 -1.99
C GLN A 283 1.32 4.76 -0.58
N ASP A 284 2.26 5.60 -0.11
CA ASP A 284 2.29 6.08 1.27
C ASP A 284 1.11 7.04 1.49
N MET A 285 0.69 7.71 0.42
CA MET A 285 -0.28 8.80 0.49
C MET A 285 -1.68 8.24 0.78
N ARG A 286 -1.91 6.98 0.38
CA ARG A 286 -3.21 6.34 0.50
C ARG A 286 -3.62 6.28 1.98
N ARG A 287 -2.62 6.32 2.87
CA ARG A 287 -2.83 6.25 4.31
C ARG A 287 -3.45 7.56 4.81
N TYR A 288 -3.37 8.61 3.99
CA TYR A 288 -3.86 9.94 4.34
C TYR A 288 -5.23 10.17 3.74
N MET A 289 -5.69 9.22 2.92
CA MET A 289 -7.05 9.22 2.38
C MET A 289 -7.99 8.55 3.37
N PRO A 290 -9.28 8.94 3.40
CA PRO A 290 -10.30 8.20 4.15
C PRO A 290 -10.21 6.70 3.87
N PRO A 291 -10.65 5.83 4.79
CA PRO A 291 -10.52 4.39 4.62
C PRO A 291 -11.44 3.86 3.51
N ALA A 292 -12.59 4.53 3.33
CA ALA A 292 -13.56 4.20 2.28
C ALA A 292 -12.89 4.34 0.91
N HIS A 293 -12.05 5.37 0.77
CA HIS A 293 -11.48 5.76 -0.52
C HIS A 293 -10.27 4.86 -0.82
N ARG A 294 -9.44 4.62 0.20
CA ARG A 294 -8.41 3.59 0.16
C ARG A 294 -9.01 2.30 -0.41
N ASN A 295 -10.20 1.93 0.09
CA ASN A 295 -10.84 0.67 -0.22
C ASN A 295 -11.32 0.70 -1.68
N PHE A 296 -11.83 1.85 -2.12
CA PHE A 296 -12.37 2.02 -3.46
C PHE A 296 -11.25 1.79 -4.50
N LEU A 297 -10.08 2.36 -4.23
CA LEU A 297 -8.90 2.19 -5.09
C LEU A 297 -8.51 0.71 -5.12
N CYS A 298 -8.58 0.06 -3.95
CA CYS A 298 -8.22 -1.34 -3.80
C CYS A 298 -9.17 -2.21 -4.61
N SER A 299 -10.44 -1.79 -4.69
CA SER A 299 -11.48 -2.50 -5.44
C SER A 299 -11.20 -2.42 -6.94
N LEU A 300 -10.76 -1.23 -7.39
CA LEU A 300 -10.47 -0.98 -8.80
C LEU A 300 -9.36 -1.92 -9.27
N GLU A 301 -8.35 -2.08 -8.42
CA GLU A 301 -7.19 -2.92 -8.72
C GLU A 301 -7.63 -4.37 -8.86
N SER A 302 -8.60 -4.78 -8.00
CA SER A 302 -9.08 -6.15 -7.93
C SER A 302 -9.80 -6.52 -9.23
N ASN A 303 -10.52 -5.57 -9.80
CA ASN A 303 -11.28 -5.75 -11.04
C ASN A 303 -10.30 -6.06 -12.17
N PRO A 304 -10.77 -6.69 -13.27
CA PRO A 304 -9.89 -7.05 -14.38
C PRO A 304 -9.37 -5.81 -15.13
N SER A 305 -8.24 -5.97 -15.83
CA SER A 305 -7.49 -4.86 -16.38
C SER A 305 -8.16 -4.33 -17.65
N VAL A 306 -8.58 -3.06 -17.61
CA VAL A 306 -9.10 -2.36 -18.77
C VAL A 306 -8.05 -2.42 -19.88
N ARG A 307 -6.81 -2.09 -19.51
CA ARG A 307 -5.70 -1.99 -20.46
C ARG A 307 -5.56 -3.31 -21.23
N GLU A 308 -5.53 -4.42 -20.49
CA GLU A 308 -5.33 -5.75 -21.07
C GLU A 308 -6.49 -6.06 -22.02
N PHE A 309 -7.71 -5.78 -21.57
CA PHE A 309 -8.91 -5.99 -22.37
C PHE A 309 -8.76 -5.32 -23.73
N VAL A 310 -8.31 -4.06 -23.71
CA VAL A 310 -8.32 -3.19 -24.87
C VAL A 310 -7.32 -3.73 -25.89
N LEU A 311 -6.14 -4.16 -25.41
CA LEU A 311 -5.06 -4.65 -26.26
C LEU A 311 -5.49 -5.98 -26.89
N SER A 312 -6.31 -6.75 -26.17
CA SER A 312 -6.62 -8.13 -26.50
C SER A 312 -7.55 -8.20 -27.73
N LYS A 313 -8.13 -7.05 -28.10
CA LYS A 313 -9.33 -7.00 -28.93
C LYS A 313 -8.97 -6.66 -30.37
N GLY A 314 -7.80 -6.04 -30.57
CA GLY A 314 -7.35 -5.60 -31.88
C GLY A 314 -8.34 -4.63 -32.51
N ASP A 315 -8.62 -3.54 -31.78
CA ASP A 315 -9.76 -2.66 -32.05
C ASP A 315 -9.31 -1.20 -31.87
N ALA A 316 -9.07 -0.51 -33.00
CA ALA A 316 -8.43 0.79 -33.01
C ALA A 316 -9.32 1.82 -32.29
N GLY A 317 -10.64 1.61 -32.35
CA GLY A 317 -11.62 2.45 -31.67
C GLY A 317 -11.34 2.54 -30.18
N LEU A 318 -11.22 1.37 -29.54
CA LEU A 318 -10.95 1.26 -28.10
C LEU A 318 -9.56 1.85 -27.81
N ARG A 319 -8.55 1.33 -28.52
CA ARG A 319 -7.17 1.82 -28.41
C ARG A 319 -7.18 3.34 -28.32
N GLU A 320 -7.98 3.97 -29.19
CA GLU A 320 -8.04 5.41 -29.31
C GLU A 320 -8.65 6.01 -28.03
N ALA A 321 -9.80 5.47 -27.63
CA ALA A 321 -10.57 5.99 -26.50
C ALA A 321 -9.76 5.81 -25.21
N TYR A 322 -9.06 4.67 -25.10
CA TYR A 322 -8.15 4.41 -24.00
C TYR A 322 -7.10 5.53 -23.95
N ASP A 323 -6.47 5.79 -25.10
CA ASP A 323 -5.40 6.77 -25.22
C ASP A 323 -5.92 8.16 -24.86
N ALA A 324 -7.17 8.42 -25.22
CA ALA A 324 -7.86 9.66 -24.88
C ALA A 324 -7.77 9.89 -23.37
N CYS A 325 -8.19 8.89 -22.59
CA CYS A 325 -8.18 8.95 -21.13
C CYS A 325 -6.76 9.21 -20.64
N VAL A 326 -5.80 8.43 -21.15
CA VAL A 326 -4.41 8.52 -20.72
C VAL A 326 -3.90 9.94 -21.01
N LYS A 327 -4.23 10.46 -22.19
CA LYS A 327 -3.75 11.76 -22.64
C LYS A 327 -4.30 12.85 -21.73
N ALA A 328 -5.60 12.75 -21.40
CA ALA A 328 -6.25 13.68 -20.49
C ALA A 328 -5.49 13.75 -19.17
N LEU A 329 -5.01 12.59 -18.71
CA LEU A 329 -4.40 12.45 -17.39
C LEU A 329 -2.97 13.01 -17.42
N VAL A 330 -2.30 12.85 -18.56
CA VAL A 330 -0.98 13.43 -18.80
C VAL A 330 -1.12 14.95 -18.89
N SER A 331 -2.09 15.40 -19.68
CA SER A 331 -2.42 16.81 -19.84
C SER A 331 -2.52 17.48 -18.47
N LEU A 332 -3.28 16.85 -17.56
CA LEU A 332 -3.54 17.37 -16.22
C LEU A 332 -2.21 17.51 -15.46
N ARG A 333 -1.36 16.48 -15.56
CA ARG A 333 -0.12 16.41 -14.82
C ARG A 333 0.90 17.40 -15.41
N SER A 334 0.94 17.45 -16.75
CA SER A 334 1.81 18.36 -17.47
C SER A 334 1.51 19.82 -17.08
N TYR A 335 0.26 20.05 -16.65
CA TYR A 335 -0.21 21.38 -16.27
C TYR A 335 0.14 21.65 -14.80
N HIS A 336 -0.17 20.67 -13.94
CA HIS A 336 0.21 20.69 -12.54
C HIS A 336 1.66 21.16 -12.40
N LEU A 337 2.52 20.72 -13.34
CA LEU A 337 3.93 21.04 -13.34
C LEU A 337 4.13 22.56 -13.51
N GLN A 338 3.42 23.12 -14.49
CA GLN A 338 3.48 24.55 -14.79
C GLN A 338 3.08 25.34 -13.54
N ILE A 339 2.07 24.84 -12.82
CA ILE A 339 1.62 25.42 -11.57
C ILE A 339 2.80 25.46 -10.58
N VAL A 340 3.39 24.29 -10.34
CA VAL A 340 4.43 24.11 -9.34
C VAL A 340 5.57 25.10 -9.64
N THR A 341 5.96 25.19 -10.91
CA THR A 341 7.00 26.10 -11.37
C THR A 341 6.69 27.52 -10.88
N LYS A 342 5.43 27.94 -11.04
CA LYS A 342 5.03 29.32 -10.86
C LYS A 342 4.83 29.61 -9.38
N TYR A 343 4.50 28.57 -8.60
CA TYR A 343 3.95 28.75 -7.26
C TYR A 343 4.95 28.26 -6.20
N ILE A 344 6.03 27.62 -6.64
CA ILE A 344 7.04 27.09 -5.73
C ILE A 344 8.43 27.50 -6.22
N LEU A 345 8.79 27.05 -7.42
CA LEU A 345 10.15 27.18 -7.93
C LEU A 345 10.56 28.66 -7.99
N ILE A 346 9.71 29.48 -8.59
CA ILE A 346 10.01 30.90 -8.85
C ILE A 346 10.00 31.65 -7.52
N PRO A 347 8.88 31.61 -6.75
CA PRO A 347 8.86 32.18 -5.40
C PRO A 347 10.07 31.83 -4.53
N ALA A 348 10.48 30.55 -4.57
CA ALA A 348 11.48 30.02 -3.64
C ALA A 348 12.86 30.61 -3.96
N SER A 349 12.91 31.48 -4.98
CA SER A 349 14.11 32.21 -5.36
C SER A 349 13.87 33.72 -5.21
N GLN A 350 13.26 34.11 -4.09
CA GLN A 350 12.89 35.50 -3.83
C GLN A 350 12.91 35.75 -2.31
N THR A 369 19.25 21.60 -3.48
CA THR A 369 19.01 20.69 -4.59
C THR A 369 17.57 20.15 -4.52
N GLY A 370 16.87 20.50 -3.44
CA GLY A 370 15.52 20.01 -3.16
C GLY A 370 14.54 20.40 -4.26
N GLY A 371 14.83 21.53 -4.92
CA GLY A 371 13.94 22.10 -5.94
C GLY A 371 13.72 21.15 -7.11
N THR A 372 14.82 20.56 -7.59
CA THR A 372 14.82 19.74 -8.80
C THR A 372 14.47 18.29 -8.43
N ASP A 373 14.65 17.95 -7.15
CA ASP A 373 14.22 16.67 -6.60
C ASP A 373 12.70 16.54 -6.77
N LEU A 374 11.98 17.63 -6.44
CA LEU A 374 10.53 17.67 -6.48
C LEU A 374 10.04 17.46 -7.92
N MET A 375 10.60 18.24 -8.84
CA MET A 375 10.13 18.32 -10.22
C MET A 375 10.38 16.98 -10.92
N ASN A 376 11.52 16.35 -10.59
CA ASN A 376 11.91 15.08 -11.17
C ASN A 376 10.95 13.98 -10.69
N PHE A 377 10.50 14.09 -9.44
CA PHE A 377 9.48 13.22 -8.89
C PHE A 377 8.21 13.31 -9.73
N LEU A 378 7.74 14.54 -9.97
CA LEU A 378 6.48 14.79 -10.65
C LEU A 378 6.60 14.37 -12.13
N LYS A 379 7.78 14.59 -12.71
CA LYS A 379 8.03 14.31 -14.13
C LYS A 379 8.15 12.79 -14.34
N THR A 380 8.65 12.10 -13.30
CA THR A 380 8.66 10.64 -13.28
C THR A 380 7.23 10.11 -13.42
N VAL A 381 6.32 10.66 -12.60
CA VAL A 381 4.94 10.21 -12.53
C VAL A 381 4.25 10.54 -13.85
N ARG A 382 4.43 11.79 -14.30
CA ARG A 382 3.94 12.23 -15.59
C ARG A 382 4.40 11.25 -16.67
N SER A 383 5.71 10.96 -16.68
CA SER A 383 6.33 10.14 -17.70
C SER A 383 5.71 8.73 -17.70
N THR A 384 5.64 8.14 -16.50
CA THR A 384 5.02 6.82 -16.29
C THR A 384 3.63 6.81 -16.95
N THR A 385 2.87 7.89 -16.73
CA THR A 385 1.52 8.03 -17.27
C THR A 385 1.59 8.09 -18.80
N GLU A 386 2.60 8.79 -19.32
CA GLU A 386 2.81 8.95 -20.75
C GLU A 386 3.14 7.58 -21.37
N LYS A 387 3.95 6.80 -20.66
CA LYS A 387 4.54 5.57 -21.18
C LYS A 387 3.45 4.53 -21.45
N SER A 388 2.21 4.87 -21.09
CA SER A 388 1.11 3.90 -21.05
C SER A 388 0.26 4.02 -22.31
N LEU A 389 0.58 5.01 -23.16
CA LEU A 389 -0.10 5.21 -24.43
C LEU A 389 0.10 3.98 -25.32
N LEU A 390 -0.85 3.75 -26.23
CA LEU A 390 -0.88 2.56 -27.07
C LEU A 390 -0.48 2.95 -28.50
N LYS A 391 -0.27 4.25 -28.73
CA LYS A 391 -0.17 4.82 -30.07
C LYS A 391 1.22 4.53 -30.64
N LYS B 3 -13.00 -9.90 -9.85
CA LYS B 3 -12.04 -10.05 -8.72
C LYS B 3 -11.80 -11.55 -8.45
N GLU B 4 -10.75 -12.10 -9.07
CA GLU B 4 -10.27 -13.45 -8.78
C GLU B 4 -8.97 -13.34 -7.99
N TYR B 5 -8.80 -14.23 -7.00
CA TYR B 5 -7.82 -14.06 -5.93
C TYR B 5 -6.72 -15.11 -6.04
N HIS B 6 -6.88 -16.04 -7.00
CA HIS B 6 -5.91 -17.10 -7.23
C HIS B 6 -5.58 -17.79 -5.90
N ILE B 7 -6.62 -18.08 -5.11
CA ILE B 7 -6.51 -18.89 -3.92
C ILE B 7 -7.12 -20.28 -4.20
N ASP B 8 -6.29 -21.31 -4.08
CA ASP B 8 -6.72 -22.69 -4.31
C ASP B 8 -7.39 -23.23 -3.04
N GLU B 9 -8.32 -24.16 -3.22
CA GLU B 9 -9.03 -24.80 -2.13
C GLU B 9 -8.05 -25.60 -1.27
N GLU B 10 -7.03 -26.18 -1.93
CA GLU B 10 -6.16 -27.19 -1.33
C GLU B 10 -4.90 -26.51 -0.77
N VAL B 11 -4.28 -25.65 -1.58
CA VAL B 11 -2.92 -25.15 -1.34
C VAL B 11 -2.97 -23.64 -1.10
N GLY B 12 -4.18 -23.10 -0.96
CA GLY B 12 -4.37 -21.67 -0.70
C GLY B 12 -3.54 -20.81 -1.62
N PHE B 13 -2.53 -20.14 -1.05
CA PHE B 13 -1.75 -19.13 -1.75
C PHE B 13 -0.68 -19.80 -2.62
N ALA B 14 -0.31 -21.03 -2.26
CA ALA B 14 0.67 -21.81 -3.00
C ALA B 14 0.14 -22.08 -4.42
N LEU B 15 1.04 -22.01 -5.41
CA LEU B 15 0.73 -22.30 -6.80
C LEU B 15 0.45 -23.80 -6.94
N PRO B 16 -0.80 -24.19 -7.30
CA PRO B 16 -1.16 -25.60 -7.36
C PRO B 16 -0.50 -26.35 -8.52
N ASN B 17 0.24 -27.41 -8.19
CA ASN B 17 0.82 -28.34 -9.16
C ASN B 17 1.70 -27.54 -10.13
N PRO B 18 2.84 -26.98 -9.65
CA PRO B 18 3.66 -26.09 -10.46
C PRO B 18 4.33 -26.78 -11.68
N GLN B 19 4.68 -25.98 -12.69
CA GLN B 19 5.38 -26.44 -13.87
C GLN B 19 6.86 -26.64 -13.54
N GLU B 20 7.41 -27.80 -13.93
CA GLU B 20 8.80 -28.14 -13.68
C GLU B 20 9.67 -27.65 -14.84
N ASN B 21 9.22 -27.93 -16.06
CA ASN B 21 10.03 -27.81 -17.26
C ASN B 21 9.47 -26.70 -18.15
N LEU B 22 10.37 -25.86 -18.67
CA LEU B 22 10.02 -24.80 -19.62
C LEU B 22 9.99 -25.38 -21.02
N PRO B 23 9.48 -24.61 -22.03
CA PRO B 23 9.80 -24.87 -23.43
C PRO B 23 11.29 -25.13 -23.68
N ASP B 24 11.58 -26.04 -24.61
CA ASP B 24 12.95 -26.43 -24.95
C ASP B 24 13.75 -25.17 -25.32
N PHE B 25 13.04 -24.15 -25.83
CA PHE B 25 13.65 -22.89 -26.26
C PHE B 25 14.49 -22.31 -25.13
N TYR B 26 14.16 -22.69 -23.88
CA TYR B 26 14.66 -22.03 -22.69
C TYR B 26 15.63 -22.94 -21.94
N ASN B 27 16.24 -23.89 -22.67
CA ASN B 27 17.07 -24.94 -22.08
C ASN B 27 18.34 -24.31 -21.52
N ASP B 28 18.80 -23.23 -22.15
CA ASP B 28 20.01 -22.51 -21.74
C ASP B 28 19.81 -21.97 -20.32
N TRP B 29 18.59 -21.47 -20.04
CA TRP B 29 18.21 -21.02 -18.71
C TRP B 29 18.26 -22.18 -17.73
N MET B 30 17.54 -23.25 -18.05
CA MET B 30 17.18 -24.30 -17.11
C MET B 30 18.44 -24.99 -16.58
N PHE B 31 19.41 -25.21 -17.47
CA PHE B 31 20.64 -25.93 -17.15
C PHE B 31 21.31 -25.28 -15.93
N ILE B 32 21.33 -23.95 -15.91
CA ILE B 32 22.05 -23.19 -14.89
C ILE B 32 21.34 -23.33 -13.55
N ALA B 33 20.01 -23.46 -13.60
CA ALA B 33 19.18 -23.56 -12.41
C ALA B 33 19.30 -24.96 -11.80
N LYS B 34 19.31 -25.97 -12.67
CA LYS B 34 19.34 -27.37 -12.25
C LYS B 34 20.71 -27.67 -11.60
N HIS B 35 21.76 -27.04 -12.13
CA HIS B 35 23.13 -27.31 -11.71
C HIS B 35 23.73 -26.06 -11.06
N LEU B 36 22.86 -25.28 -10.40
CA LEU B 36 23.26 -24.05 -9.74
C LEU B 36 24.37 -24.35 -8.73
N PRO B 37 24.15 -25.28 -7.78
CA PRO B 37 25.18 -25.62 -6.79
C PRO B 37 26.46 -26.18 -7.45
N ASP B 38 26.27 -27.04 -8.45
CA ASP B 38 27.36 -27.70 -9.16
C ASP B 38 28.24 -26.62 -9.80
N LEU B 39 27.60 -25.58 -10.35
CA LEU B 39 28.27 -24.54 -11.12
C LEU B 39 28.96 -23.55 -10.17
N ILE B 40 28.24 -23.14 -9.12
CA ILE B 40 28.77 -22.23 -8.11
C ILE B 40 30.08 -22.82 -7.55
N GLU B 41 30.04 -24.12 -7.24
CA GLU B 41 31.11 -24.79 -6.52
C GLU B 41 32.37 -24.84 -7.41
N SER B 42 32.16 -25.11 -8.70
CA SER B 42 33.26 -25.28 -9.65
C SER B 42 33.75 -23.91 -10.14
N GLY B 43 32.98 -22.87 -9.83
CA GLY B 43 33.35 -21.49 -10.13
C GLY B 43 33.05 -21.11 -11.57
N GLN B 44 32.04 -21.76 -12.14
CA GLN B 44 31.69 -21.60 -13.56
C GLN B 44 30.43 -20.72 -13.68
N LEU B 45 29.80 -20.43 -12.54
CA LEU B 45 28.44 -19.91 -12.49
C LEU B 45 28.38 -18.59 -13.28
N ARG B 46 29.28 -17.66 -12.93
CA ARG B 46 29.26 -16.30 -13.44
C ARG B 46 29.46 -16.33 -14.97
N GLU B 47 30.53 -17.02 -15.39
CA GLU B 47 30.91 -17.09 -16.80
C GLU B 47 29.75 -17.69 -17.62
N ARG B 48 29.20 -18.80 -17.14
CA ARG B 48 28.18 -19.55 -17.85
C ARG B 48 26.94 -18.67 -18.05
N VAL B 49 26.69 -17.78 -17.08
CA VAL B 49 25.58 -16.83 -17.14
C VAL B 49 25.92 -15.73 -18.15
N GLU B 50 27.19 -15.31 -18.14
CA GLU B 50 27.65 -14.17 -18.94
C GLU B 50 27.64 -14.55 -20.43
N LYS B 51 27.76 -15.85 -20.71
CA LYS B 51 27.80 -16.36 -22.07
C LYS B 51 26.37 -16.45 -22.63
N LEU B 52 25.38 -16.35 -21.75
CA LEU B 52 23.97 -16.45 -22.11
C LEU B 52 23.65 -15.43 -23.21
N ASN B 53 22.86 -15.87 -24.20
CA ASN B 53 22.24 -14.97 -25.16
C ASN B 53 20.84 -14.60 -24.68
N MET B 54 20.49 -13.32 -24.82
CA MET B 54 19.16 -12.82 -24.49
C MET B 54 18.10 -13.64 -25.24
N LEU B 55 17.29 -14.38 -24.50
CA LEU B 55 16.06 -15.00 -25.01
C LEU B 55 14.87 -14.06 -24.73
N SER B 56 13.79 -14.24 -25.49
CA SER B 56 12.56 -13.48 -25.33
C SER B 56 11.61 -14.24 -24.40
N ILE B 57 10.77 -13.49 -23.68
CA ILE B 57 9.84 -14.05 -22.70
C ILE B 57 8.51 -14.36 -23.38
N ASP B 58 8.50 -14.24 -24.72
CA ASP B 58 7.28 -14.25 -25.51
C ASP B 58 6.72 -15.67 -25.56
N HIS B 59 7.61 -16.67 -25.49
CA HIS B 59 7.27 -18.07 -25.71
C HIS B 59 6.71 -18.68 -24.42
N LEU B 60 6.68 -17.87 -23.35
CA LEU B 60 6.01 -18.22 -22.10
C LEU B 60 4.56 -17.71 -22.15
N THR B 61 3.62 -18.65 -22.35
CA THR B 61 2.31 -18.35 -22.93
C THR B 61 1.21 -18.53 -21.87
N ASP B 62 1.55 -19.20 -20.77
CA ASP B 62 0.64 -19.38 -19.64
C ASP B 62 1.34 -18.95 -18.35
N HIS B 63 0.57 -18.91 -17.25
CA HIS B 63 0.97 -18.28 -16.00
C HIS B 63 2.07 -19.11 -15.32
N LYS B 64 1.87 -20.44 -15.30
CA LYS B 64 2.75 -21.36 -14.60
C LYS B 64 4.14 -21.35 -15.25
N SER B 65 4.16 -21.18 -16.58
CA SER B 65 5.41 -21.02 -17.33
C SER B 65 6.12 -19.75 -16.86
N GLN B 66 5.37 -18.67 -16.72
CA GLN B 66 5.89 -17.38 -16.32
C GLN B 66 6.43 -17.48 -14.88
N ARG B 67 5.69 -18.19 -14.03
CA ARG B 67 6.04 -18.35 -12.62
C ARG B 67 7.36 -19.11 -12.52
N LEU B 68 7.49 -20.19 -13.32
CA LEU B 68 8.64 -21.07 -13.27
C LEU B 68 9.90 -20.30 -13.74
N ALA B 69 9.75 -19.56 -14.84
CA ALA B 69 10.85 -18.79 -15.42
C ALA B 69 11.27 -17.68 -14.45
N ARG B 70 10.29 -17.09 -13.77
CA ARG B 70 10.52 -16.17 -12.64
C ARG B 70 11.49 -16.83 -11.65
N LEU B 71 11.16 -18.07 -11.27
CA LEU B 71 11.92 -18.83 -10.30
C LEU B 71 13.32 -19.12 -10.84
N VAL B 72 13.37 -19.76 -12.03
CA VAL B 72 14.60 -20.10 -12.71
C VAL B 72 15.51 -18.88 -12.73
N LEU B 73 15.01 -17.77 -13.29
CA LEU B 73 15.78 -16.55 -13.46
C LEU B 73 16.13 -15.96 -12.10
N GLY B 74 15.18 -16.02 -11.17
CA GLY B 74 15.34 -15.50 -9.81
C GLY B 74 16.50 -16.17 -9.09
N CYS B 75 16.53 -17.49 -9.15
CA CYS B 75 17.59 -18.29 -8.52
C CYS B 75 18.94 -17.96 -9.17
N ILE B 76 18.97 -18.02 -10.51
CA ILE B 76 20.18 -17.75 -11.29
C ILE B 76 20.73 -16.37 -10.87
N THR B 77 19.83 -15.41 -10.69
CA THR B 77 20.20 -14.02 -10.41
C THR B 77 20.88 -13.93 -9.04
N MET B 78 20.23 -14.51 -8.03
CA MET B 78 20.74 -14.51 -6.66
C MET B 78 22.10 -15.20 -6.62
N ALA B 79 22.20 -16.34 -7.31
CA ALA B 79 23.46 -17.08 -7.44
C ALA B 79 24.54 -16.17 -8.01
N TYR B 80 24.18 -15.41 -9.04
CA TYR B 80 25.13 -14.60 -9.80
C TYR B 80 25.71 -13.50 -8.91
N VAL B 81 24.83 -12.75 -8.23
CA VAL B 81 25.21 -11.56 -7.48
C VAL B 81 26.09 -11.98 -6.30
N TRP B 82 25.76 -13.12 -5.68
CA TRP B 82 26.31 -13.50 -4.39
C TRP B 82 27.47 -14.49 -4.57
N GLY B 83 27.51 -15.13 -5.74
CA GLY B 83 28.52 -16.12 -6.05
C GLY B 83 28.59 -17.21 -4.99
N LYS B 84 29.71 -17.27 -4.27
CA LYS B 84 29.99 -18.33 -3.31
C LYS B 84 29.75 -17.81 -1.89
N GLY B 85 29.66 -16.49 -1.75
CA GLY B 85 29.04 -15.85 -0.59
C GLY B 85 30.08 -15.40 0.43
N HIS B 86 31.30 -15.15 -0.06
CA HIS B 86 32.34 -14.49 0.74
C HIS B 86 32.28 -12.98 0.50
N GLY B 87 31.38 -12.55 -0.39
CA GLY B 87 31.22 -11.15 -0.76
C GLY B 87 31.99 -10.81 -2.03
N ASP B 88 32.25 -11.84 -2.85
CA ASP B 88 32.70 -11.66 -4.22
C ASP B 88 31.49 -11.33 -5.11
N VAL B 89 30.94 -10.12 -4.92
CA VAL B 89 29.61 -9.75 -5.42
C VAL B 89 29.77 -9.07 -6.78
N ARG B 90 28.78 -9.29 -7.66
CA ARG B 90 28.62 -8.52 -8.88
C ARG B 90 27.45 -7.53 -8.69
N LYS B 91 27.72 -6.26 -8.93
CA LYS B 91 26.77 -5.18 -8.66
C LYS B 91 25.99 -4.84 -9.93
N VAL B 92 26.23 -5.63 -10.99
CA VAL B 92 25.55 -5.47 -12.27
C VAL B 92 25.05 -6.84 -12.74
N LEU B 93 23.86 -6.85 -13.34
CA LEU B 93 23.25 -8.08 -13.88
C LEU B 93 23.26 -8.01 -15.40
N PRO B 94 24.06 -8.88 -16.07
CA PRO B 94 24.09 -8.94 -17.53
C PRO B 94 22.73 -8.71 -18.20
N ARG B 95 22.75 -8.01 -19.34
CA ARG B 95 21.54 -7.50 -19.98
C ARG B 95 20.74 -8.68 -20.56
N ASN B 96 21.43 -9.79 -20.85
CA ASN B 96 20.85 -10.92 -21.56
C ASN B 96 20.01 -11.76 -20.60
N ILE B 97 20.12 -11.45 -19.29
CA ILE B 97 19.30 -12.10 -18.27
C ILE B 97 18.44 -11.04 -17.58
N ALA B 98 19.03 -9.87 -17.32
CA ALA B 98 18.37 -8.79 -16.59
C ALA B 98 17.07 -8.38 -17.30
N VAL B 99 17.13 -8.31 -18.63
CA VAL B 99 16.03 -7.80 -19.44
C VAL B 99 14.85 -8.76 -19.35
N PRO B 100 14.95 -9.98 -19.90
CA PRO B 100 13.86 -10.95 -19.81
C PRO B 100 13.32 -11.06 -18.37
N TYR B 101 14.22 -10.98 -17.39
CA TYR B 101 13.84 -11.00 -15.99
C TYR B 101 12.89 -9.83 -15.69
N CYS B 102 13.41 -8.61 -15.87
CA CYS B 102 12.69 -7.38 -15.53
C CYS B 102 11.36 -7.33 -16.29
N GLN B 103 11.37 -7.81 -17.54
CA GLN B 103 10.18 -7.92 -18.37
C GLN B 103 9.16 -8.84 -17.69
N LEU B 104 9.59 -10.09 -17.44
CA LEU B 104 8.74 -11.13 -16.90
C LEU B 104 8.22 -10.72 -15.53
N SER B 105 9.08 -10.05 -14.75
CA SER B 105 8.71 -9.44 -13.47
C SER B 105 7.58 -8.42 -13.69
N LYS B 106 7.80 -7.51 -14.64
CA LYS B 106 6.87 -6.41 -14.93
C LYS B 106 5.49 -6.98 -15.26
N LYS B 107 5.48 -8.07 -16.03
CA LYS B 107 4.26 -8.65 -16.58
C LYS B 107 3.44 -9.28 -15.45
N LEU B 108 4.14 -9.80 -14.43
CA LEU B 108 3.51 -10.50 -13.30
C LEU B 108 3.39 -9.54 -12.12
N GLU B 109 3.79 -8.28 -12.33
CA GLU B 109 3.64 -7.22 -11.34
C GLU B 109 4.42 -7.58 -10.07
N LEU B 110 5.55 -8.27 -10.25
CA LEU B 110 6.45 -8.63 -9.15
C LEU B 110 7.79 -7.95 -9.35
N PRO B 111 8.59 -7.76 -8.27
CA PRO B 111 9.93 -7.20 -8.40
C PRO B 111 10.88 -8.16 -9.11
N PRO B 112 11.98 -7.66 -9.70
CA PRO B 112 13.03 -8.51 -10.26
C PRO B 112 13.99 -8.99 -9.17
N ILE B 113 13.48 -9.86 -8.30
CA ILE B 113 14.26 -10.50 -7.25
C ILE B 113 13.48 -11.74 -6.79
N LEU B 114 14.20 -12.70 -6.20
CA LEU B 114 13.60 -13.92 -5.69
C LEU B 114 12.74 -13.59 -4.46
N VAL B 115 11.45 -13.95 -4.53
CA VAL B 115 10.51 -13.69 -3.45
C VAL B 115 9.89 -15.02 -2.99
N TYR B 116 9.36 -15.01 -1.76
CA TYR B 116 8.64 -16.13 -1.18
C TYR B 116 7.79 -16.82 -2.25
N ALA B 117 7.11 -16.01 -3.06
CA ALA B 117 6.12 -16.49 -4.04
C ALA B 117 6.82 -17.38 -5.08
N ASP B 118 8.15 -17.27 -5.17
CA ASP B 118 8.94 -18.00 -6.13
C ASP B 118 9.56 -19.23 -5.46
N CYS B 119 10.41 -18.99 -4.45
CA CYS B 119 11.30 -20.00 -3.90
C CYS B 119 10.53 -20.98 -3.01
N VAL B 120 9.32 -20.60 -2.61
CA VAL B 120 8.46 -21.43 -1.78
C VAL B 120 7.22 -21.86 -2.59
N LEU B 121 6.47 -20.88 -3.09
CA LEU B 121 5.08 -21.08 -3.49
C LEU B 121 5.03 -21.83 -4.83
N ALA B 122 6.06 -21.64 -5.65
CA ALA B 122 6.09 -22.15 -7.02
C ALA B 122 7.25 -23.14 -7.19
N ASN B 123 7.94 -23.42 -6.08
CA ASN B 123 9.23 -24.11 -6.11
C ASN B 123 9.08 -25.48 -5.42
N TRP B 124 8.10 -26.26 -5.88
CA TRP B 124 7.81 -27.57 -5.31
C TRP B 124 7.25 -28.50 -6.38
N LYS B 125 7.31 -29.81 -6.09
CA LYS B 125 6.73 -30.84 -6.94
C LYS B 125 6.11 -31.93 -6.05
N LYS B 126 5.45 -32.89 -6.69
CA LYS B 126 4.98 -34.11 -6.05
C LYS B 126 5.75 -35.31 -6.63
N LYS B 127 6.43 -36.05 -5.73
CA LYS B 127 7.20 -37.23 -6.12
C LYS B 127 6.26 -38.24 -6.81
N ASP B 128 5.17 -38.60 -6.12
CA ASP B 128 4.10 -39.43 -6.68
C ASP B 128 2.82 -38.62 -6.72
N PRO B 129 2.22 -38.42 -7.91
CA PRO B 129 1.06 -37.53 -8.06
C PRO B 129 -0.15 -37.94 -7.22
N ASN B 130 -0.34 -39.25 -7.07
CA ASN B 130 -1.59 -39.82 -6.56
C ASN B 130 -1.45 -40.08 -5.06
N LYS B 131 -0.66 -39.26 -4.38
CA LYS B 131 -0.28 -39.47 -2.99
C LYS B 131 -0.21 -38.14 -2.27
N PRO B 132 -0.53 -38.09 -0.95
CA PRO B 132 -0.80 -36.83 -0.25
C PRO B 132 0.38 -35.85 -0.29
N LEU B 133 0.07 -34.57 -0.08
CA LEU B 133 1.06 -33.52 0.13
C LEU B 133 1.70 -33.70 1.51
N THR B 134 2.65 -34.64 1.61
CA THR B 134 3.45 -34.86 2.81
C THR B 134 4.93 -34.61 2.48
N TYR B 135 5.66 -34.02 3.44
CA TYR B 135 7.03 -33.58 3.23
C TYR B 135 7.80 -34.65 2.43
N GLU B 136 7.51 -35.92 2.73
CA GLU B 136 8.32 -37.05 2.26
C GLU B 136 7.73 -37.59 0.95
N ASN B 137 6.75 -36.87 0.40
CA ASN B 137 6.17 -37.17 -0.90
C ASN B 137 6.40 -36.00 -1.86
N MET B 138 7.16 -34.99 -1.38
CA MET B 138 7.38 -33.76 -2.14
C MET B 138 8.89 -33.50 -2.24
N ASP B 139 9.26 -32.73 -3.26
CA ASP B 139 10.60 -32.17 -3.39
C ASP B 139 10.48 -30.67 -3.74
N VAL B 140 11.62 -29.97 -3.74
CA VAL B 140 11.72 -28.64 -4.33
C VAL B 140 12.31 -28.77 -5.74
N LEU B 141 12.23 -27.68 -6.51
CA LEU B 141 12.66 -27.68 -7.91
C LEU B 141 14.12 -27.24 -8.00
N PHE B 142 14.52 -26.32 -7.09
CA PHE B 142 15.78 -25.59 -7.23
C PHE B 142 16.39 -25.35 -5.84
N SER B 143 17.70 -25.58 -5.75
CA SER B 143 18.50 -25.29 -4.58
C SER B 143 19.70 -24.42 -4.98
N PHE B 144 20.43 -23.92 -3.98
CA PHE B 144 21.49 -22.95 -4.20
C PHE B 144 22.86 -23.64 -4.06
N ARG B 145 23.10 -24.25 -2.89
CA ARG B 145 24.35 -24.95 -2.60
C ARG B 145 24.05 -26.35 -2.08
N ASP B 146 25.07 -27.21 -2.10
CA ASP B 146 25.00 -28.55 -1.51
C ASP B 146 24.79 -28.41 0.01
N GLY B 147 23.83 -29.17 0.54
CA GLY B 147 23.44 -29.12 1.94
C GLY B 147 23.25 -27.69 2.42
N ASP B 148 22.46 -26.91 1.67
CA ASP B 148 22.03 -25.58 2.08
C ASP B 148 20.74 -25.69 2.90
N CYS B 149 20.23 -26.92 3.01
CA CYS B 149 18.99 -27.21 3.74
C CYS B 149 17.89 -26.25 3.28
N SER B 150 17.80 -26.07 1.95
CA SER B 150 16.79 -25.23 1.33
C SER B 150 15.47 -26.01 1.20
N LYS B 151 15.55 -27.28 0.80
CA LYS B 151 14.40 -28.15 0.72
C LYS B 151 13.62 -28.07 2.04
N GLY B 152 14.31 -28.38 3.14
CA GLY B 152 13.74 -28.29 4.47
C GLY B 152 12.95 -27.01 4.65
N PHE B 153 13.60 -25.88 4.36
CA PHE B 153 13.09 -24.56 4.68
C PHE B 153 11.87 -24.25 3.80
N PHE B 154 12.08 -24.28 2.48
CA PHE B 154 11.04 -23.97 1.50
C PHE B 154 9.85 -24.91 1.72
N LEU B 155 10.13 -26.21 1.81
CA LEU B 155 9.12 -27.25 1.71
C LEU B 155 8.22 -27.24 2.96
N VAL B 156 8.81 -26.89 4.10
CA VAL B 156 8.08 -26.79 5.36
C VAL B 156 7.17 -25.56 5.28
N SER B 157 7.77 -24.40 4.94
CA SER B 157 7.03 -23.17 4.70
C SER B 157 5.79 -23.44 3.85
N LEU B 158 5.99 -24.23 2.79
CA LEU B 158 4.95 -24.53 1.83
C LEU B 158 3.84 -25.33 2.50
N LEU B 159 4.22 -26.28 3.36
CA LEU B 159 3.29 -27.16 4.04
C LEU B 159 2.43 -26.35 5.02
N VAL B 160 3.09 -25.50 5.81
CA VAL B 160 2.43 -24.52 6.67
C VAL B 160 1.44 -23.72 5.82
N GLU B 161 1.87 -23.33 4.62
CA GLU B 161 1.05 -22.58 3.67
C GLU B 161 -0.19 -23.40 3.31
N ILE B 162 0.02 -24.69 3.02
CA ILE B 162 -1.05 -25.60 2.62
C ILE B 162 -1.97 -25.84 3.83
N ALA B 163 -1.37 -25.90 5.01
CA ALA B 163 -2.10 -26.05 6.27
C ALA B 163 -3.10 -24.90 6.42
N ALA B 164 -2.60 -23.68 6.25
CA ALA B 164 -3.38 -22.46 6.48
C ALA B 164 -4.50 -22.36 5.43
N ALA B 165 -4.34 -23.10 4.33
CA ALA B 165 -5.28 -23.07 3.20
C ALA B 165 -6.68 -23.45 3.68
N SER B 166 -6.75 -24.42 4.60
CA SER B 166 -8.00 -24.95 5.12
C SER B 166 -8.72 -23.89 5.96
N ALA B 167 -7.94 -22.98 6.53
CA ALA B 167 -8.47 -21.86 7.33
C ALA B 167 -8.99 -20.76 6.39
N ILE B 168 -8.24 -20.52 5.31
CA ILE B 168 -8.50 -19.40 4.41
C ILE B 168 -9.87 -19.60 3.76
N LYS B 169 -10.22 -20.86 3.46
CA LYS B 169 -11.36 -21.19 2.62
C LYS B 169 -12.65 -21.00 3.42
N VAL B 170 -12.51 -20.78 4.74
CA VAL B 170 -13.65 -20.61 5.64
C VAL B 170 -14.06 -19.14 5.67
N ILE B 171 -13.12 -18.26 5.32
CA ILE B 171 -13.20 -16.83 5.62
C ILE B 171 -14.51 -16.27 5.07
N PRO B 172 -14.93 -16.66 3.84
CA PRO B 172 -16.20 -16.19 3.28
C PRO B 172 -17.38 -16.55 4.19
N THR B 173 -17.36 -17.76 4.74
CA THR B 173 -18.40 -18.25 5.65
C THR B 173 -18.57 -17.26 6.80
N VAL B 174 -17.44 -16.73 7.28
CA VAL B 174 -17.40 -15.82 8.43
C VAL B 174 -18.22 -14.56 8.10
N PHE B 175 -18.04 -14.05 6.88
CA PHE B 175 -18.52 -12.72 6.53
C PHE B 175 -20.00 -12.79 6.16
N LYS B 176 -20.39 -13.83 5.44
CA LYS B 176 -21.79 -14.13 5.20
C LYS B 176 -22.53 -14.22 6.54
N ALA B 177 -21.94 -14.97 7.48
CA ALA B 177 -22.55 -15.25 8.77
C ALA B 177 -22.84 -13.93 9.50
N MET B 178 -21.89 -12.99 9.42
CA MET B 178 -22.01 -11.69 10.07
C MET B 178 -23.15 -10.90 9.42
N GLN B 179 -23.20 -10.96 8.09
CA GLN B 179 -24.17 -10.22 7.29
C GLN B 179 -25.57 -10.79 7.54
N MET B 180 -25.67 -12.12 7.49
CA MET B 180 -26.95 -12.84 7.59
C MET B 180 -27.34 -13.01 9.06
N GLN B 181 -26.48 -12.53 9.96
CA GLN B 181 -26.70 -12.61 11.39
C GLN B 181 -26.98 -14.07 11.79
N GLU B 182 -26.13 -14.98 11.28
CA GLU B 182 -26.17 -16.39 11.64
C GLU B 182 -25.08 -16.68 12.68
N ARG B 183 -25.44 -16.51 13.95
CA ARG B 183 -24.50 -16.54 15.06
C ARG B 183 -23.79 -17.90 15.10
N ASP B 184 -24.58 -18.97 15.00
CA ASP B 184 -24.10 -20.33 15.23
C ASP B 184 -23.10 -20.70 14.14
N THR B 185 -23.38 -20.28 12.90
CA THR B 185 -22.50 -20.50 11.77
C THR B 185 -21.16 -19.80 12.03
N LEU B 186 -21.24 -18.50 12.37
CA LEU B 186 -20.06 -17.68 12.65
C LEU B 186 -19.23 -18.33 13.75
N LEU B 187 -19.90 -18.73 14.83
CA LEU B 187 -19.28 -19.37 15.98
C LEU B 187 -18.50 -20.61 15.52
N LYS B 188 -19.19 -21.48 14.79
CA LYS B 188 -18.61 -22.72 14.28
C LYS B 188 -17.39 -22.38 13.41
N ALA B 189 -17.53 -21.36 12.56
CA ALA B 189 -16.54 -21.01 11.55
C ALA B 189 -15.24 -20.54 12.23
N LEU B 190 -15.38 -19.65 13.22
CA LEU B 190 -14.25 -19.07 13.93
C LEU B 190 -13.42 -20.18 14.58
N LEU B 191 -14.11 -21.17 15.14
CA LEU B 191 -13.46 -22.31 15.81
C LEU B 191 -12.68 -23.13 14.79
N GLU B 192 -13.32 -23.42 13.65
CA GLU B 192 -12.74 -24.23 12.59
C GLU B 192 -11.42 -23.59 12.12
N ILE B 193 -11.42 -22.25 12.04
CA ILE B 193 -10.26 -21.49 11.61
C ILE B 193 -9.14 -21.66 12.64
N ALA B 194 -9.51 -21.55 13.92
CA ALA B 194 -8.56 -21.65 15.03
C ALA B 194 -7.94 -23.05 15.05
N SER B 195 -8.77 -24.07 14.85
CA SER B 195 -8.34 -25.47 14.84
C SER B 195 -7.30 -25.68 13.74
N CYS B 196 -7.56 -25.09 12.57
CA CYS B 196 -6.73 -25.28 11.38
C CYS B 196 -5.45 -24.45 11.50
N LEU B 197 -5.48 -23.42 12.36
CA LEU B 197 -4.31 -22.60 12.65
C LEU B 197 -3.44 -23.31 13.69
N GLU B 198 -4.02 -24.30 14.38
CA GLU B 198 -3.28 -25.17 15.28
C GLU B 198 -2.61 -26.29 14.46
N LYS B 199 -3.37 -26.86 13.52
CA LYS B 199 -2.84 -27.75 12.49
C LYS B 199 -1.51 -27.19 11.97
N ALA B 200 -1.42 -25.86 11.92
CA ALA B 200 -0.29 -25.15 11.30
C ALA B 200 0.97 -25.37 12.12
N LEU B 201 0.89 -25.12 13.44
CA LEU B 201 2.04 -25.15 14.32
C LEU B 201 2.65 -26.56 14.33
N GLN B 202 1.79 -27.58 14.35
CA GLN B 202 2.21 -28.98 14.28
C GLN B 202 3.11 -29.17 13.05
N VAL B 203 2.69 -28.60 11.92
CA VAL B 203 3.38 -28.72 10.65
C VAL B 203 4.64 -27.84 10.69
N PHE B 204 4.54 -26.72 11.40
CA PHE B 204 5.62 -25.73 11.49
C PHE B 204 6.75 -26.31 12.36
N HIS B 205 6.44 -27.34 13.14
CA HIS B 205 7.38 -27.94 14.07
C HIS B 205 8.46 -28.71 13.30
N GLN B 206 8.15 -29.09 12.06
CA GLN B 206 8.96 -30.03 11.28
C GLN B 206 10.28 -29.36 10.86
N ILE B 207 10.43 -28.07 11.20
CA ILE B 207 11.57 -27.27 10.78
C ILE B 207 12.83 -27.75 11.50
N HIS B 208 12.65 -28.20 12.75
CA HIS B 208 13.74 -28.73 13.57
C HIS B 208 14.38 -29.94 12.87
N ASP B 209 13.53 -30.75 12.22
CA ASP B 209 13.95 -32.02 11.61
C ASP B 209 14.90 -31.73 10.44
N HIS B 210 14.57 -30.71 9.64
CA HIS B 210 14.94 -30.66 8.23
C HIS B 210 15.88 -29.47 7.94
N VAL B 211 16.24 -28.72 8.98
CA VAL B 211 17.12 -27.56 8.82
C VAL B 211 18.19 -27.58 9.91
N ASN B 212 19.41 -27.18 9.53
CA ASN B 212 20.56 -27.09 10.44
C ASN B 212 20.92 -25.62 10.62
N PRO B 213 20.98 -25.13 11.88
CA PRO B 213 21.29 -23.72 12.14
C PRO B 213 22.54 -23.21 11.41
N LYS B 214 23.46 -24.13 11.09
CA LYS B 214 24.62 -23.84 10.25
C LYS B 214 24.15 -23.55 8.82
N ALA B 215 23.44 -24.52 8.24
CA ALA B 215 23.14 -24.54 6.80
C ALA B 215 22.07 -23.50 6.46
N PHE B 216 21.75 -22.65 7.45
CA PHE B 216 20.97 -21.45 7.22
C PHE B 216 21.91 -20.23 7.19
N PHE B 217 22.50 -19.92 8.35
CA PHE B 217 23.15 -18.63 8.57
C PHE B 217 24.35 -18.48 7.62
N SER B 218 24.98 -19.61 7.29
CA SER B 218 26.19 -19.64 6.49
C SER B 218 25.83 -19.61 5.01
N VAL B 219 24.78 -20.36 4.63
CA VAL B 219 24.54 -20.76 3.25
C VAL B 219 23.26 -20.09 2.75
N LEU B 220 22.10 -20.65 3.12
CA LEU B 220 20.83 -20.32 2.49
C LEU B 220 20.49 -18.84 2.74
N ARG B 221 20.78 -18.39 3.96
CA ARG B 221 20.55 -17.00 4.36
C ARG B 221 21.14 -16.06 3.31
N ILE B 222 22.31 -16.43 2.79
CA ILE B 222 23.17 -15.53 2.03
C ILE B 222 22.50 -15.20 0.69
N TYR B 223 21.75 -16.17 0.16
CA TYR B 223 21.26 -16.12 -1.22
C TYR B 223 19.85 -15.51 -1.24
N LEU B 224 19.21 -15.45 -0.08
CA LEU B 224 17.88 -14.85 0.07
C LEU B 224 18.03 -13.37 0.46
N SER B 225 19.28 -12.89 0.46
CA SER B 225 19.59 -11.49 0.77
C SER B 225 19.32 -10.62 -0.46
N GLY B 226 18.76 -9.43 -0.21
CA GLY B 226 18.44 -8.45 -1.26
C GLY B 226 19.47 -7.36 -1.35
N TRP B 227 19.15 -6.30 -2.11
CA TRP B 227 20.07 -5.19 -2.35
C TRP B 227 19.64 -3.94 -1.58
N LYS B 228 18.43 -3.98 -1.01
CA LYS B 228 17.87 -2.83 -0.29
C LYS B 228 18.41 -2.82 1.15
N GLY B 229 19.28 -1.85 1.44
CA GLY B 229 19.80 -1.62 2.78
C GLY B 229 21.05 -2.45 3.05
N ASN B 230 21.43 -3.27 2.07
CA ASN B 230 22.64 -4.07 2.13
C ASN B 230 23.84 -3.19 1.76
N PRO B 231 24.83 -3.04 2.66
CA PRO B 231 26.00 -2.21 2.38
C PRO B 231 26.83 -2.80 1.23
N GLN B 232 26.73 -4.12 1.05
CA GLN B 232 27.49 -4.85 0.05
C GLN B 232 26.98 -4.49 -1.35
N LEU B 233 25.74 -4.00 -1.42
CA LEU B 233 25.17 -3.40 -2.62
C LEU B 233 24.43 -2.11 -2.24
N SER B 234 25.19 -1.09 -1.82
CA SER B 234 24.67 0.06 -1.10
C SER B 234 23.65 0.81 -1.96
N ASP B 235 23.83 0.73 -3.29
CA ASP B 235 23.13 1.58 -4.23
C ASP B 235 22.07 0.76 -4.98
N GLY B 236 22.03 -0.54 -4.70
CA GLY B 236 21.15 -1.48 -5.39
C GLY B 236 21.80 -2.07 -6.62
N LEU B 237 21.00 -2.80 -7.41
CA LEU B 237 21.50 -3.58 -8.52
C LEU B 237 21.17 -2.88 -9.84
N VAL B 238 22.20 -2.73 -10.69
CA VAL B 238 22.02 -2.32 -12.08
C VAL B 238 21.39 -3.50 -12.84
N TYR B 239 20.17 -3.29 -13.35
CA TYR B 239 19.52 -4.23 -14.25
C TYR B 239 19.85 -3.85 -15.70
N GLU B 240 21.06 -4.22 -16.13
CA GLU B 240 21.67 -3.73 -17.36
C GLU B 240 20.65 -3.79 -18.50
N GLY B 241 20.41 -2.63 -19.14
CA GLY B 241 19.66 -2.55 -20.38
C GLY B 241 18.16 -2.51 -20.13
N PHE B 242 17.77 -2.16 -18.90
CA PHE B 242 16.36 -2.04 -18.53
C PHE B 242 16.17 -0.78 -17.69
N TRP B 243 17.00 -0.63 -16.65
CA TRP B 243 17.14 0.63 -15.92
C TRP B 243 18.60 1.06 -15.91
N GLU B 244 18.84 2.34 -16.20
CA GLU B 244 20.17 2.91 -16.23
C GLU B 244 20.68 3.11 -14.79
N ASP B 245 19.74 3.24 -13.86
CA ASP B 245 20.04 3.49 -12.45
C ASP B 245 19.95 2.17 -11.68
N PRO B 246 20.82 1.96 -10.65
CA PRO B 246 20.63 0.89 -9.68
C PRO B 246 19.29 1.00 -8.94
N LYS B 247 18.68 -0.15 -8.64
CA LYS B 247 17.45 -0.22 -7.86
C LYS B 247 17.65 -1.17 -6.67
N GLU B 248 17.07 -0.79 -5.52
CA GLU B 248 17.10 -1.61 -4.31
C GLU B 248 15.81 -2.43 -4.21
N PHE B 249 15.93 -3.66 -3.71
CA PHE B 249 14.79 -4.54 -3.45
C PHE B 249 15.07 -5.40 -2.23
N ALA B 250 14.03 -5.61 -1.40
CA ALA B 250 14.13 -6.43 -0.21
C ALA B 250 14.30 -7.90 -0.60
N GLY B 251 14.87 -8.69 0.31
CA GLY B 251 15.14 -10.10 0.08
C GLY B 251 13.96 -10.97 0.50
N GLY B 252 14.12 -12.28 0.34
CA GLY B 252 13.17 -13.26 0.84
C GLY B 252 12.85 -13.04 2.31
N SER B 253 11.55 -13.04 2.63
CA SER B 253 11.05 -12.67 3.95
C SER B 253 9.70 -13.35 4.20
N ALA B 254 9.41 -13.64 5.47
CA ALA B 254 8.12 -14.19 5.87
C ALA B 254 7.03 -13.14 5.68
N GLY B 255 7.37 -11.88 5.95
CA GLY B 255 6.51 -10.75 5.61
C GLY B 255 5.82 -10.96 4.28
N GLN B 256 6.49 -11.70 3.38
CA GLN B 256 6.05 -11.86 2.01
C GLN B 256 4.96 -12.95 1.93
N SER B 257 4.86 -13.76 2.99
CA SER B 257 3.75 -14.70 3.15
C SER B 257 2.45 -13.92 3.37
N SER B 258 1.47 -14.15 2.49
CA SER B 258 0.15 -13.58 2.62
C SER B 258 -0.54 -14.15 3.85
N VAL B 259 -0.23 -15.42 4.15
CA VAL B 259 -0.83 -16.16 5.26
C VAL B 259 -0.44 -15.49 6.59
N PHE B 260 0.81 -15.04 6.66
CA PHE B 260 1.32 -14.22 7.75
C PHE B 260 0.27 -13.15 8.13
N GLN B 261 -0.23 -12.46 7.11
CA GLN B 261 -0.86 -11.15 7.27
C GLN B 261 -2.39 -11.29 7.30
N CYS B 262 -2.90 -12.28 6.57
CA CYS B 262 -4.28 -12.28 6.10
C CYS B 262 -5.24 -12.53 7.28
N PHE B 263 -4.71 -13.12 8.35
CA PHE B 263 -5.52 -13.50 9.52
C PHE B 263 -5.52 -12.35 10.54
N ASP B 264 -4.39 -11.64 10.61
CA ASP B 264 -4.30 -10.39 11.37
C ASP B 264 -5.40 -9.44 10.89
N VAL B 265 -5.55 -9.36 9.56
CA VAL B 265 -6.49 -8.45 8.91
C VAL B 265 -7.93 -8.89 9.24
N LEU B 266 -8.18 -10.19 9.04
CA LEU B 266 -9.49 -10.79 9.27
C LEU B 266 -9.95 -10.47 10.70
N LEU B 267 -9.07 -10.73 11.67
CA LEU B 267 -9.41 -10.71 13.09
C LEU B 267 -9.26 -9.30 13.64
N GLY B 268 -8.85 -8.36 12.77
CA GLY B 268 -8.85 -6.95 13.08
C GLY B 268 -7.67 -6.54 13.96
N ILE B 269 -6.60 -7.32 13.87
CA ILE B 269 -5.32 -6.99 14.50
C ILE B 269 -4.57 -6.03 13.57
N GLN B 270 -4.31 -4.83 14.08
CA GLN B 270 -3.83 -3.70 13.27
C GLN B 270 -2.30 -3.76 13.18
N GLN B 271 -1.79 -4.50 12.20
CA GLN B 271 -0.36 -4.58 11.91
C GLN B 271 0.03 -3.45 10.95
N THR B 272 -0.93 -3.04 10.11
CA THR B 272 -0.67 -2.17 8.96
C THR B 272 -1.05 -0.73 9.33
N ALA B 273 -1.40 -0.52 10.61
CA ALA B 273 -1.95 0.74 11.09
C ALA B 273 -0.81 1.71 11.45
N GLY B 274 -0.99 2.98 11.07
CA GLY B 274 -0.05 4.05 11.41
C GLY B 274 1.11 4.11 10.43
N GLY B 275 2.22 4.70 10.88
CA GLY B 275 3.46 4.77 10.12
C GLY B 275 4.68 4.55 10.99
N GLY B 276 4.59 3.54 11.87
CA GLY B 276 5.77 2.91 12.47
C GLY B 276 6.41 1.90 11.54
N HIS B 277 7.59 1.42 11.92
CA HIS B 277 8.43 0.61 11.03
C HIS B 277 7.70 -0.69 10.66
N ALA B 278 7.32 -1.46 11.69
CA ALA B 278 6.77 -2.80 11.52
C ALA B 278 5.50 -2.74 10.65
N ALA B 279 4.67 -1.72 10.91
CA ALA B 279 3.49 -1.43 10.10
C ALA B 279 3.91 -1.21 8.64
N GLN B 280 4.76 -0.20 8.43
CA GLN B 280 5.26 0.16 7.11
C GLN B 280 5.79 -1.08 6.39
N PHE B 281 6.63 -1.86 7.10
CA PHE B 281 7.34 -3.00 6.52
C PHE B 281 6.33 -3.96 5.88
N LEU B 282 5.27 -4.28 6.64
CA LEU B 282 4.30 -5.30 6.24
C LEU B 282 3.47 -4.78 5.06
N GLN B 283 3.19 -3.48 5.06
CA GLN B 283 2.57 -2.80 3.92
C GLN B 283 3.46 -3.00 2.68
N ASP B 284 4.75 -2.71 2.84
CA ASP B 284 5.72 -2.73 1.75
C ASP B 284 5.79 -4.15 1.17
N MET B 285 5.73 -5.14 2.07
CA MET B 285 6.04 -6.53 1.73
C MET B 285 4.93 -7.12 0.85
N ARG B 286 3.77 -6.45 0.84
CA ARG B 286 2.64 -6.85 0.00
C ARG B 286 3.02 -6.63 -1.48
N ARG B 287 3.96 -5.73 -1.73
CA ARG B 287 4.48 -5.46 -3.07
C ARG B 287 5.18 -6.72 -3.61
N TYR B 288 5.64 -7.59 -2.70
CA TYR B 288 6.45 -8.75 -3.05
C TYR B 288 5.56 -10.01 -3.10
N MET B 289 4.25 -9.82 -2.90
CA MET B 289 3.27 -10.87 -3.09
C MET B 289 2.72 -10.80 -4.51
N PRO B 290 2.24 -11.92 -5.08
CA PRO B 290 1.48 -11.89 -6.33
C PRO B 290 0.34 -10.86 -6.28
N PRO B 291 -0.04 -10.28 -7.43
CA PRO B 291 -1.06 -9.22 -7.46
C PRO B 291 -2.37 -9.61 -6.76
N ALA B 292 -2.87 -10.80 -7.08
CA ALA B 292 -4.20 -11.23 -6.68
C ALA B 292 -4.26 -11.42 -5.16
N HIS B 293 -3.08 -11.61 -4.56
CA HIS B 293 -2.96 -11.81 -3.12
C HIS B 293 -3.00 -10.45 -2.40
N ARG B 294 -2.18 -9.51 -2.88
CA ARG B 294 -2.29 -8.10 -2.51
C ARG B 294 -3.78 -7.72 -2.43
N ASN B 295 -4.49 -7.99 -3.54
CA ASN B 295 -5.89 -7.64 -3.69
C ASN B 295 -6.68 -8.26 -2.54
N PHE B 296 -6.47 -9.57 -2.32
CA PHE B 296 -7.18 -10.33 -1.30
C PHE B 296 -7.09 -9.60 0.05
N LEU B 297 -5.89 -9.11 0.37
CA LEU B 297 -5.61 -8.50 1.67
C LEU B 297 -6.33 -7.16 1.77
N CYS B 298 -6.20 -6.33 0.73
CA CYS B 298 -6.88 -5.04 0.65
C CYS B 298 -8.40 -5.26 0.68
N SER B 299 -8.85 -6.30 -0.03
CA SER B 299 -10.27 -6.64 -0.12
C SER B 299 -10.80 -7.02 1.26
N LEU B 300 -10.04 -7.85 1.98
CA LEU B 300 -10.38 -8.26 3.34
C LEU B 300 -10.61 -7.02 4.21
N GLU B 301 -9.71 -6.04 4.07
CA GLU B 301 -9.68 -4.87 4.95
C GLU B 301 -10.95 -4.04 4.75
N SER B 302 -11.58 -4.18 3.57
CA SER B 302 -12.73 -3.38 3.18
C SER B 302 -14.04 -4.08 3.56
N ASN B 303 -13.92 -5.19 4.28
CA ASN B 303 -15.06 -5.90 4.83
C ASN B 303 -15.38 -5.35 6.22
N PRO B 304 -16.63 -5.52 6.71
CA PRO B 304 -16.99 -5.18 8.09
C PRO B 304 -16.16 -5.99 9.11
N SER B 305 -15.91 -5.38 10.27
CA SER B 305 -14.97 -5.89 11.25
C SER B 305 -15.58 -7.10 11.97
N VAL B 306 -14.88 -8.24 11.88
CA VAL B 306 -15.19 -9.41 12.69
C VAL B 306 -15.11 -9.03 14.18
N ARG B 307 -14.02 -8.36 14.54
CA ARG B 307 -13.72 -8.04 15.93
C ARG B 307 -14.90 -7.28 16.55
N GLU B 308 -15.34 -6.23 15.86
CA GLU B 308 -16.40 -5.33 16.35
C GLU B 308 -17.68 -6.13 16.57
N PHE B 309 -18.07 -6.92 15.56
CA PHE B 309 -19.28 -7.73 15.59
C PHE B 309 -19.33 -8.56 16.87
N VAL B 310 -18.16 -9.09 17.25
CA VAL B 310 -18.03 -10.04 18.35
C VAL B 310 -18.20 -9.28 19.69
N LEU B 311 -17.60 -8.09 19.77
CA LEU B 311 -17.58 -7.29 21.00
C LEU B 311 -19.00 -6.84 21.36
N SER B 312 -19.86 -6.74 20.34
CA SER B 312 -21.11 -6.00 20.41
C SER B 312 -22.22 -6.86 21.03
N LYS B 313 -21.91 -8.14 21.26
CA LYS B 313 -22.92 -9.19 21.41
C LYS B 313 -22.99 -9.66 22.87
N GLY B 314 -21.92 -9.39 23.64
CA GLY B 314 -21.73 -10.00 24.95
C GLY B 314 -21.98 -11.50 24.91
N ASP B 315 -21.32 -12.16 23.94
CA ASP B 315 -21.55 -13.57 23.64
C ASP B 315 -20.25 -14.35 23.88
N ALA B 316 -20.14 -14.95 25.06
CA ALA B 316 -18.91 -15.56 25.53
C ALA B 316 -18.42 -16.60 24.52
N GLY B 317 -19.36 -17.40 24.01
CA GLY B 317 -19.07 -18.42 23.00
C GLY B 317 -18.27 -17.85 21.84
N LEU B 318 -18.82 -16.79 21.22
CA LEU B 318 -18.14 -16.06 20.16
C LEU B 318 -16.74 -15.64 20.65
N ARG B 319 -16.71 -14.89 21.76
CA ARG B 319 -15.49 -14.25 22.24
C ARG B 319 -14.39 -15.32 22.43
N GLU B 320 -14.77 -16.44 23.04
CA GLU B 320 -13.89 -17.59 23.20
C GLU B 320 -13.32 -17.98 21.84
N ALA B 321 -14.20 -18.13 20.85
CA ALA B 321 -13.84 -18.62 19.52
C ALA B 321 -12.91 -17.61 18.83
N TYR B 322 -13.26 -16.32 18.93
CA TYR B 322 -12.42 -15.26 18.39
C TYR B 322 -11.03 -15.32 19.02
N ASP B 323 -10.99 -15.54 20.34
CA ASP B 323 -9.75 -15.54 21.11
C ASP B 323 -8.92 -16.77 20.72
N ALA B 324 -9.60 -17.89 20.44
CA ALA B 324 -8.95 -19.11 19.96
C ALA B 324 -8.05 -18.77 18.77
N CYS B 325 -8.64 -18.11 17.75
CA CYS B 325 -7.92 -17.70 16.55
C CYS B 325 -6.73 -16.81 16.94
N VAL B 326 -7.00 -15.76 17.72
CA VAL B 326 -6.01 -14.74 18.05
C VAL B 326 -4.84 -15.40 18.79
N LYS B 327 -5.14 -16.48 19.52
CA LYS B 327 -4.15 -17.18 20.34
C LYS B 327 -3.22 -18.00 19.43
N ALA B 328 -3.80 -18.65 18.43
CA ALA B 328 -3.08 -19.54 17.54
C ALA B 328 -2.10 -18.74 16.66
N LEU B 329 -2.43 -17.46 16.44
CA LEU B 329 -1.51 -16.50 15.82
C LEU B 329 -0.27 -16.34 16.71
N VAL B 330 -0.50 -16.20 18.01
CA VAL B 330 0.56 -15.93 18.98
C VAL B 330 1.38 -17.21 19.18
N SER B 331 0.69 -18.35 19.20
CA SER B 331 1.33 -19.67 19.21
C SER B 331 2.39 -19.73 18.11
N LEU B 332 1.98 -19.44 16.87
CA LEU B 332 2.83 -19.53 15.69
C LEU B 332 3.94 -18.48 15.77
N ARG B 333 3.55 -17.25 16.13
CA ARG B 333 4.45 -16.10 16.11
C ARG B 333 5.57 -16.31 17.13
N SER B 334 5.20 -16.83 18.31
CA SER B 334 6.16 -17.13 19.37
C SER B 334 7.13 -18.23 18.91
N TYR B 335 6.55 -19.35 18.43
CA TYR B 335 7.32 -20.50 17.98
C TYR B 335 8.23 -20.07 16.81
N HIS B 336 7.85 -18.99 16.13
CA HIS B 336 8.68 -18.35 15.13
C HIS B 336 9.87 -17.67 15.81
N LEU B 337 9.58 -16.87 16.84
CA LEU B 337 10.59 -16.17 17.62
C LEU B 337 11.59 -17.18 18.20
N GLN B 338 11.08 -18.35 18.59
CA GLN B 338 11.91 -19.44 19.10
C GLN B 338 12.92 -19.84 18.03
N ILE B 339 12.42 -20.04 16.80
CA ILE B 339 13.19 -20.59 15.70
C ILE B 339 14.21 -19.54 15.22
N VAL B 340 13.80 -18.28 15.22
CA VAL B 340 14.63 -17.18 14.73
C VAL B 340 15.85 -17.03 15.65
N THR B 341 15.61 -17.13 16.96
CA THR B 341 16.65 -16.96 17.97
C THR B 341 17.70 -18.07 17.80
N LYS B 342 17.25 -19.24 17.35
CA LYS B 342 18.08 -20.44 17.27
C LYS B 342 18.96 -20.38 16.01
N TYR B 343 18.44 -19.73 14.95
CA TYR B 343 18.93 -19.93 13.59
C TYR B 343 19.71 -18.69 13.11
N ILE B 344 19.70 -17.62 13.92
CA ILE B 344 20.28 -16.33 13.52
C ILE B 344 21.10 -15.76 14.69
N LEU B 345 20.45 -15.62 15.85
CA LEU B 345 21.04 -14.95 17.01
C LEU B 345 22.24 -15.76 17.51
N ILE B 346 22.03 -17.05 17.75
CA ILE B 346 23.05 -17.94 18.31
C ILE B 346 24.21 -18.05 17.34
N PRO B 347 23.95 -18.34 16.03
CA PRO B 347 25.01 -18.29 15.01
C PRO B 347 25.80 -16.97 14.98
N ALA B 348 25.10 -15.85 15.16
CA ALA B 348 25.73 -14.53 15.21
C ALA B 348 26.20 -14.24 16.64
N LEU B 374 16.44 -6.25 14.18
CA LEU B 374 16.61 -7.68 14.42
C LEU B 374 15.23 -8.33 14.63
N MET B 375 14.87 -8.51 15.91
CA MET B 375 13.67 -9.24 16.30
C MET B 375 12.65 -8.26 16.88
N ASN B 376 13.04 -6.97 16.95
CA ASN B 376 12.18 -5.92 17.48
C ASN B 376 10.98 -5.72 16.55
N PHE B 377 11.11 -6.22 15.31
CA PHE B 377 10.01 -6.30 14.37
C PHE B 377 9.12 -7.50 14.73
N LEU B 378 9.76 -8.63 15.06
CA LEU B 378 9.06 -9.90 15.30
C LEU B 378 8.32 -9.83 16.65
N LYS B 379 8.99 -9.25 17.64
CA LYS B 379 8.46 -9.14 19.00
C LYS B 379 7.29 -8.15 19.03
N THR B 380 7.37 -7.12 18.18
CA THR B 380 6.37 -6.06 18.12
C THR B 380 5.06 -6.62 17.55
N VAL B 381 5.18 -7.52 16.57
CA VAL B 381 4.03 -8.12 15.89
C VAL B 381 3.32 -9.07 16.86
N ARG B 382 4.11 -9.87 17.59
CA ARG B 382 3.59 -10.79 18.59
C ARG B 382 2.88 -10.00 19.69
N SER B 383 3.54 -8.93 20.15
CA SER B 383 2.97 -8.00 21.13
C SER B 383 1.62 -7.50 20.64
N THR B 384 1.60 -6.94 19.43
CA THR B 384 0.43 -6.25 18.88
C THR B 384 -0.69 -7.28 18.61
N THR B 385 -0.29 -8.53 18.34
CA THR B 385 -1.21 -9.64 18.13
C THR B 385 -1.86 -10.02 19.46
N GLU B 386 -1.02 -10.25 20.47
CA GLU B 386 -1.45 -10.75 21.78
C GLU B 386 -2.41 -9.75 22.43
N LYS B 387 -2.16 -8.46 22.19
CA LYS B 387 -2.87 -7.38 22.86
C LYS B 387 -4.27 -7.23 22.25
N SER B 388 -4.58 -8.08 21.27
CA SER B 388 -5.83 -8.01 20.53
C SER B 388 -6.82 -9.06 21.06
N LEU B 389 -6.37 -9.84 22.06
CA LEU B 389 -7.26 -10.71 22.83
C LEU B 389 -8.32 -9.86 23.53
N LEU B 390 -9.45 -10.49 23.86
CA LEU B 390 -10.62 -9.80 24.42
C LEU B 390 -10.63 -9.98 25.94
N LYS B 391 -10.21 -11.16 26.40
CA LYS B 391 -10.04 -11.48 27.82
C LYS B 391 -11.41 -11.39 28.52
N GLU B 392 -12.49 -11.62 27.76
CA GLU B 392 -13.85 -11.51 28.25
C GLU B 392 -14.57 -12.85 28.07
CHA HEM C . 1.70 16.79 -5.82
CHB HEM C . 2.26 21.59 -5.57
CHC HEM C . -2.43 22.18 -6.82
CHD HEM C . -2.85 17.40 -7.35
C1A HEM C . 2.21 18.05 -5.59
C2A HEM C . 3.50 18.29 -5.09
C3A HEM C . 3.67 19.64 -5.02
C4A HEM C . 2.49 20.24 -5.51
CMA HEM C . 4.88 20.38 -4.52
CAA HEM C . 4.49 17.24 -4.67
CBA HEM C . 4.00 16.57 -3.38
CGA HEM C . 4.25 17.48 -2.21
O1A HEM C . 3.31 17.77 -1.43
O2A HEM C . 5.39 17.95 -2.01
C1B HEM C . 1.00 22.13 -5.89
C2B HEM C . 0.79 23.53 -5.89
C3B HEM C . -0.52 23.73 -6.24
C4B HEM C . -1.09 22.38 -6.45
CMB HEM C . 1.83 24.59 -5.58
CAB HEM C . -1.24 25.02 -6.37
CBB HEM C . -0.66 26.17 -6.07
C1C HEM C . -2.96 20.93 -7.06
C2C HEM C . -4.31 20.65 -7.34
C3C HEM C . -4.42 19.27 -7.50
C4C HEM C . -3.13 18.73 -7.30
CMC HEM C . -5.41 21.68 -7.46
CAC HEM C . -5.63 18.46 -7.73
CBC HEM C . -6.85 18.93 -7.46
C1D HEM C . -1.63 16.88 -6.96
C2D HEM C . -1.38 15.43 -6.98
C3D HEM C . -0.12 15.25 -6.57
C4D HEM C . 0.41 16.59 -6.28
CMD HEM C . -2.35 14.35 -7.38
CAD HEM C . 0.58 13.93 -6.43
CBD HEM C . 1.47 13.65 -7.65
CGD HEM C . 0.67 13.06 -8.79
O1D HEM C . 0.83 13.50 -9.95
O2D HEM C . -0.09 12.09 -8.60
NA HEM C . 1.59 19.25 -5.82
NB HEM C . -0.12 21.47 -6.22
NC HEM C . -2.26 19.75 -7.00
ND HEM C . -0.54 17.53 -6.52
FE HEM C . -0.32 19.38 -6.36
C1 GOL D . 7.54 14.05 -2.64
O1 GOL D . 7.52 13.02 -1.65
C2 GOL D . 8.71 14.99 -2.36
O2 GOL D . 8.20 16.22 -1.82
C3 GOL D . 9.49 15.29 -3.65
O3 GOL D . 10.86 14.89 -3.51
C1 GOL E . 12.27 10.89 -15.58
O1 GOL E . 11.48 11.34 -16.68
C2 GOL E . 12.63 12.05 -14.66
O2 GOL E . 13.84 11.76 -13.96
C3 GOL E . 12.78 13.34 -15.47
O3 GOL E . 13.14 14.41 -14.61
C1 GOL F . 3.84 22.44 -0.85
O1 GOL F . 4.90 21.48 -0.80
C2 GOL F . 2.49 21.73 -1.00
O2 GOL F . 1.86 22.12 -2.22
C3 GOL F . 1.59 22.06 0.17
O3 GOL F . 0.23 21.73 -0.15
C5 H7P G . 9.21 -19.09 9.42
C6 H7P G . 9.40 -20.25 8.40
C7 H7P G . 8.17 -20.86 7.73
C2 H7P G . 6.80 -20.21 7.97
C3 H7P G . 6.78 -19.52 9.32
C4 H7P G . 7.84 -18.45 9.34
C1 H7P G . 6.37 -19.27 6.85
N1 H7P G . 8.69 -18.75 6.36
C8 H7P G . 10.32 -18.11 9.27
C9 H7P G . 10.16 -16.63 9.34
C10 H7P G . 8.95 -15.97 9.54
C11 H7P G . 8.91 -14.58 9.60
C12 H7P G . 10.07 -13.82 9.45
C13 H7P G . 11.30 -14.42 9.28
C14 H7P G . 11.40 -15.80 9.22
C15 H7P G . 12.71 -17.73 8.98
C16 H7P G . 11.62 -18.60 9.12
C17 H7P G . 7.44 -18.28 6.49
C18 H7P G . 9.50 -18.23 5.43
C19 H7P G . 10.21 -19.10 4.61
C20 H7P G . 10.94 -18.60 3.53
C21 H7P G . 10.93 -17.24 3.26
C22 H7P G . 10.20 -16.37 4.06
C23 H7P G . 9.47 -16.88 5.15
CL H7P G . 11.87 -16.59 1.87
O H7P G . 7.13 -17.14 6.16
C H7P G . 5.10 -18.52 7.23
N H7P G . 12.59 -16.40 9.04
F H7P G . 7.73 -13.95 9.77
C1 GOL H . 16.39 -8.57 3.88
O1 GOL H . 16.78 -8.89 5.22
C2 GOL H . 17.49 -7.78 3.19
O2 GOL H . 18.51 -8.66 2.72
C3 GOL H . 16.90 -6.99 2.02
O3 GOL H . 17.73 -5.87 1.72
C1 GOL I . 32.26 -16.51 -6.10
O1 GOL I . 32.90 -15.74 -5.07
C2 GOL I . 33.19 -16.65 -7.30
O2 GOL I . 34.50 -17.03 -6.85
C3 GOL I . 32.64 -17.70 -8.25
O3 GOL I . 33.26 -17.57 -9.54
C1 GOL J . 1.70 -18.21 9.65
O1 GOL J . 0.28 -18.19 9.51
C2 GOL J . 2.19 -16.96 10.38
O2 GOL J . 1.11 -16.30 11.05
C3 GOL J . 3.26 -17.34 11.40
O3 GOL J . 4.07 -16.19 11.70
#